data_5I7I
#
_entry.id   5I7I
#
_cell.length_a   46.091
_cell.length_b   82.588
_cell.length_c   75.961
_cell.angle_alpha   90.000
_cell.angle_beta   98.390
_cell.angle_gamma   90.000
#
_symmetry.space_group_name_H-M   'P 1 21 1'
#
loop_
_entity.id
_entity.type
_entity.pdbx_description
1 polymer 'TRAP solute Binding Protein'
2 non-polymer '3-HYDROXYBENZOIC ACID'
3 non-polymer DI(HYDROXYETHYL)ETHER
4 water water
#
_entity_poly.entity_id   1
_entity_poly.type   'polypeptide(L)'
_entity_poly.pdbx_seq_one_letter_code
;MHHHHHHSSGVDLGTENLYFQSMEVVLKFHSFPPMPANSNAKFVKPWSEKVLAESNGEIKVEIYPAMQLGGKPPQLVDQV
RDGVVDIVWTVAGYTPGRFPHLEAFELPFMPASAEATSQALQEYVDTVAASDLKDYKVLAVFCHAPGKIHTKEKVIKSAA
DLNGMKMRGPTRVITKMLEGLGATPVGMPVPAVAGALSKGVIDGMVVPWEIMPSFKLHELTKAHTTVSGSRGLYTTPFLF
LMNKAKYESLSDEHKKVIDNNAGLALAKLAGQLWDGFEVPARKLALDAGGTIHSLSGGPLAEMKAAGEGLEKDWIKSAND
RGLDGAMLVKTAKDLISKYDK
;
_entity_poly.pdbx_strand_id   A,B
#
loop_
_chem_comp.id
_chem_comp.type
_chem_comp.name
_chem_comp.formula
3HB non-polymer '3-HYDROXYBENZOIC ACID' 'C7 H6 O3'
PEG non-polymer DI(HYDROXYETHYL)ETHER 'C4 H10 O3'
#
# COMPACT_ATOMS: atom_id res chain seq x y z
N GLU A 24 17.36 -14.34 0.28
CA GLU A 24 17.13 -13.43 -0.85
C GLU A 24 16.51 -14.18 -2.03
N VAL A 25 15.53 -13.53 -2.65
CA VAL A 25 14.85 -14.05 -3.82
C VAL A 25 14.82 -12.96 -4.88
N VAL A 26 15.27 -13.31 -6.08
CA VAL A 26 15.21 -12.43 -7.23
C VAL A 26 14.01 -12.82 -8.07
N LEU A 27 13.18 -11.84 -8.41
CA LEU A 27 12.05 -12.06 -9.29
C LEU A 27 12.21 -11.24 -10.55
N LYS A 28 12.14 -11.90 -11.70
CA LYS A 28 12.28 -11.24 -13.00
C LYS A 28 10.92 -10.73 -13.46
N PHE A 29 10.80 -9.42 -13.58
CA PHE A 29 9.60 -8.79 -14.10
C PHE A 29 9.80 -8.42 -15.57
N HIS A 30 8.82 -8.74 -16.40
CA HIS A 30 8.90 -8.45 -17.83
C HIS A 30 7.63 -7.74 -18.30
N SER A 31 7.79 -6.72 -19.13
CA SER A 31 6.63 -6.06 -19.73
C SER A 31 7.06 -5.36 -21.01
N PHE A 32 6.07 -4.86 -21.75
CA PHE A 32 6.30 -4.29 -23.08
C PHE A 32 6.49 -2.77 -23.11
N PRO A 33 5.85 -1.96 -22.28
CA PRO A 33 6.06 -0.51 -22.41
C PRO A 33 7.49 -0.14 -22.07
N PRO A 34 7.99 0.98 -22.56
CA PRO A 34 9.31 1.44 -22.15
C PRO A 34 9.30 1.91 -20.70
N MET A 35 10.53 2.04 -20.16
CA MET A 35 10.73 2.38 -18.76
C MET A 35 9.93 3.59 -18.30
N PRO A 36 9.85 4.70 -19.05
CA PRO A 36 9.10 5.87 -18.57
C PRO A 36 7.59 5.69 -18.52
N ALA A 37 7.04 4.67 -19.13
CA ALA A 37 5.59 4.53 -19.12
C ALA A 37 5.10 4.39 -17.68
N ASN A 38 3.91 4.92 -17.43
CA ASN A 38 3.34 4.86 -16.09
C ASN A 38 3.34 3.44 -15.51
N SER A 39 2.96 2.44 -16.32
CA SER A 39 2.89 1.09 -15.81
C SER A 39 4.19 0.65 -15.16
N ASN A 40 5.33 1.08 -15.70
CA ASN A 40 6.62 0.75 -15.12
C ASN A 40 7.01 1.76 -14.05
N ALA A 41 7.08 3.03 -14.41
CA ALA A 41 7.70 4.02 -13.53
C ALA A 41 6.84 4.37 -12.33
N LYS A 42 5.50 4.28 -12.47
CA LYS A 42 4.60 4.73 -11.42
C LYS A 42 3.69 3.64 -10.91
N PHE A 43 3.90 2.40 -11.32
CA PHE A 43 3.14 1.28 -10.79
C PHE A 43 4.08 0.16 -10.38
N VAL A 44 4.75 -0.48 -11.32
CA VAL A 44 5.58 -1.63 -10.97
C VAL A 44 6.79 -1.22 -10.16
N LYS A 45 7.41 -0.09 -10.50
CA LYS A 45 8.57 0.36 -9.72
C LYS A 45 8.20 0.62 -8.28
N PRO A 46 7.18 1.42 -7.95
CA PRO A 46 6.84 1.58 -6.53
C PRO A 46 6.33 0.31 -5.88
N TRP A 47 5.63 -0.55 -6.62
CA TRP A 47 5.23 -1.84 -6.06
C TRP A 47 6.47 -2.62 -5.63
N SER A 48 7.47 -2.65 -6.51
N SER A 48 7.46 -2.67 -6.51
CA SER A 48 8.69 -3.39 -6.20
CA SER A 48 8.71 -3.38 -6.21
C SER A 48 9.42 -2.77 -5.01
C SER A 48 9.39 -2.77 -5.00
N GLU A 49 9.35 -1.44 -4.87
CA GLU A 49 10.01 -0.80 -3.72
C GLU A 49 9.29 -1.12 -2.42
N LYS A 50 7.95 -1.18 -2.44
CA LYS A 50 7.21 -1.54 -1.25
C LYS A 50 7.48 -2.99 -0.87
N VAL A 51 7.55 -3.88 -1.88
CA VAL A 51 7.86 -5.29 -1.65
C VAL A 51 9.27 -5.43 -1.09
N LEU A 52 10.22 -4.64 -1.60
CA LEU A 52 11.58 -4.66 -1.09
C LEU A 52 11.61 -4.20 0.37
N ALA A 53 10.95 -3.08 0.66
CA ALA A 53 10.96 -2.54 2.01
C ALA A 53 10.32 -3.50 2.99
N GLU A 54 9.18 -4.08 2.63
CA GLU A 54 8.41 -4.90 3.57
C GLU A 54 9.02 -6.29 3.75
N SER A 55 9.92 -6.70 2.86
CA SER A 55 10.67 -7.94 3.02
C SER A 55 12.09 -7.70 3.50
N ASN A 56 12.40 -6.48 3.94
CA ASN A 56 13.72 -6.19 4.53
C ASN A 56 14.84 -6.48 3.54
N GLY A 57 14.61 -6.08 2.28
CA GLY A 57 15.61 -6.23 1.26
C GLY A 57 15.72 -7.61 0.66
N GLU A 58 14.84 -8.54 1.04
CA GLU A 58 14.98 -9.93 0.66
C GLU A 58 14.34 -10.27 -0.69
N ILE A 59 13.18 -9.68 -1.01
CA ILE A 59 12.51 -9.94 -2.28
C ILE A 59 12.87 -8.81 -3.23
N LYS A 60 13.67 -9.14 -4.25
CA LYS A 60 14.23 -8.18 -5.18
C LYS A 60 13.62 -8.40 -6.56
N VAL A 61 12.85 -7.43 -7.04
CA VAL A 61 12.31 -7.47 -8.38
C VAL A 61 13.28 -6.77 -9.32
N GLU A 62 13.66 -7.46 -10.40
CA GLU A 62 14.44 -6.88 -11.50
C GLU A 62 13.45 -6.55 -12.61
N ILE A 63 13.42 -5.28 -13.03
CA ILE A 63 12.41 -4.80 -13.95
C ILE A 63 13.00 -4.73 -15.35
N TYR A 64 12.41 -5.49 -16.28
CA TYR A 64 12.82 -5.49 -17.69
C TYR A 64 11.68 -4.95 -18.56
N PRO A 65 11.71 -3.67 -18.88
CA PRO A 65 10.67 -3.07 -19.73
C PRO A 65 10.98 -3.34 -21.21
N ALA A 66 10.10 -2.85 -22.09
CA ALA A 66 10.39 -2.83 -23.53
C ALA A 66 10.80 -4.21 -24.06
N MET A 67 10.18 -5.26 -23.52
CA MET A 67 10.48 -6.66 -23.93
C MET A 67 11.97 -6.99 -23.90
N GLN A 68 12.67 -6.49 -22.88
CA GLN A 68 14.11 -6.65 -22.74
C GLN A 68 14.55 -8.06 -22.37
N LEU A 69 13.64 -9.00 -22.15
CA LEU A 69 14.00 -10.41 -22.01
C LEU A 69 13.58 -11.23 -23.23
N GLY A 70 13.08 -10.58 -24.29
CA GLY A 70 12.81 -11.24 -25.55
C GLY A 70 11.34 -11.51 -25.73
N GLY A 71 10.96 -11.71 -26.98
CA GLY A 71 9.57 -11.98 -27.33
C GLY A 71 8.79 -10.74 -27.68
N LYS A 72 7.53 -10.99 -28.01
CA LYS A 72 6.56 -9.99 -28.36
C LYS A 72 5.49 -9.89 -27.28
N PRO A 73 4.73 -8.80 -27.23
CA PRO A 73 3.84 -8.57 -26.10
C PRO A 73 2.85 -9.70 -25.83
N PRO A 74 2.28 -10.35 -26.84
CA PRO A 74 1.33 -11.43 -26.52
C PRO A 74 1.96 -12.58 -25.79
N GLN A 75 3.28 -12.72 -25.86
CA GLN A 75 3.95 -13.85 -25.21
C GLN A 75 4.15 -13.65 -23.71
N LEU A 76 3.93 -12.44 -23.19
CA LEU A 76 4.14 -12.22 -21.77
C LEU A 76 3.35 -13.20 -20.91
N VAL A 77 2.10 -13.46 -21.26
CA VAL A 77 1.31 -14.41 -20.44
C VAL A 77 1.92 -15.80 -20.49
N ASP A 78 2.46 -16.22 -21.65
CA ASP A 78 3.07 -17.54 -21.73
C ASP A 78 4.34 -17.58 -20.89
N GLN A 79 5.16 -16.53 -20.98
CA GLN A 79 6.41 -16.48 -20.23
C GLN A 79 6.16 -16.60 -18.73
N VAL A 80 5.16 -15.87 -18.21
CA VAL A 80 4.90 -15.93 -16.78
C VAL A 80 4.25 -17.26 -16.40
N ARG A 81 3.37 -17.80 -17.25
CA ARG A 81 2.72 -19.08 -16.97
C ARG A 81 3.78 -20.16 -16.82
N ASP A 82 4.75 -20.18 -17.73
CA ASP A 82 5.72 -21.25 -17.84
C ASP A 82 6.97 -21.01 -17.02
N GLY A 83 7.10 -19.87 -16.37
CA GLY A 83 8.24 -19.62 -15.52
C GLY A 83 9.46 -19.08 -16.22
N VAL A 84 9.32 -18.69 -17.49
CA VAL A 84 10.41 -18.02 -18.20
C VAL A 84 10.78 -16.74 -17.47
N VAL A 85 9.77 -16.03 -16.97
CA VAL A 85 9.93 -14.88 -16.10
C VAL A 85 9.00 -15.11 -14.92
N ASP A 86 9.13 -14.26 -13.91
CA ASP A 86 8.39 -14.45 -12.68
C ASP A 86 7.16 -13.57 -12.54
N ILE A 87 7.17 -12.37 -13.11
CA ILE A 87 6.07 -11.41 -13.00
C ILE A 87 5.94 -10.70 -14.34
N VAL A 88 4.70 -10.45 -14.77
CA VAL A 88 4.44 -9.61 -15.93
C VAL A 88 3.32 -8.65 -15.65
N TRP A 89 3.35 -7.54 -16.41
CA TRP A 89 2.21 -6.65 -16.57
C TRP A 89 1.88 -6.64 -18.05
N THR A 90 0.62 -6.88 -18.39
CA THR A 90 0.27 -6.92 -19.80
C THR A 90 -1.20 -6.59 -19.99
N VAL A 91 -1.62 -6.59 -21.26
CA VAL A 91 -3.02 -6.41 -21.64
C VAL A 91 -3.61 -7.77 -21.95
N ALA A 92 -4.69 -8.15 -21.26
CA ALA A 92 -5.25 -9.49 -21.40
C ALA A 92 -5.58 -9.80 -22.85
N GLY A 93 -6.24 -8.86 -23.52
CA GLY A 93 -6.71 -9.06 -24.87
C GLY A 93 -5.64 -9.03 -25.95
N TYR A 94 -4.37 -8.79 -25.60
CA TYR A 94 -3.32 -8.98 -26.59
C TYR A 94 -3.22 -10.43 -27.03
N THR A 95 -3.80 -11.35 -26.27
CA THR A 95 -3.92 -12.76 -26.65
C THR A 95 -5.41 -13.07 -26.79
N PRO A 96 -5.98 -12.99 -27.99
CA PRO A 96 -7.43 -13.19 -28.15
C PRO A 96 -7.87 -14.56 -27.66
N GLY A 97 -9.04 -14.58 -27.02
CA GLY A 97 -9.70 -15.79 -26.60
C GLY A 97 -9.15 -16.44 -25.35
N ARG A 98 -8.00 -16.00 -24.85
N ARG A 98 -7.98 -16.02 -24.87
CA ARG A 98 -7.35 -16.69 -23.75
CA ARG A 98 -7.35 -16.72 -23.74
C ARG A 98 -8.02 -16.41 -22.42
C ARG A 98 -8.08 -16.44 -22.42
N PHE A 99 -8.65 -15.25 -22.25
CA PHE A 99 -9.26 -14.84 -20.99
C PHE A 99 -10.68 -14.39 -21.29
N PRO A 100 -11.56 -15.33 -21.61
CA PRO A 100 -12.85 -14.96 -22.19
C PRO A 100 -13.76 -14.22 -21.23
N HIS A 101 -13.71 -14.55 -19.94
CA HIS A 101 -14.56 -13.82 -19.00
C HIS A 101 -14.25 -12.33 -19.01
N LEU A 102 -12.98 -11.98 -19.16
CA LEU A 102 -12.58 -10.60 -19.03
C LEU A 102 -13.09 -9.73 -20.18
N GLU A 103 -13.43 -10.35 -21.31
CA GLU A 103 -13.99 -9.62 -22.44
C GLU A 103 -15.24 -8.83 -22.05
N ALA A 104 -15.99 -9.30 -21.05
CA ALA A 104 -17.22 -8.60 -20.70
C ALA A 104 -16.92 -7.17 -20.28
N PHE A 105 -15.78 -6.95 -19.66
CA PHE A 105 -15.42 -5.62 -19.20
C PHE A 105 -14.97 -4.72 -20.33
N GLU A 106 -14.76 -5.26 -21.51
CA GLU A 106 -14.36 -4.50 -22.69
C GLU A 106 -15.53 -4.02 -23.51
N LEU A 107 -16.77 -4.36 -23.14
CA LEU A 107 -17.91 -4.06 -23.98
C LEU A 107 -18.22 -2.57 -23.96
N PRO A 108 -18.93 -2.09 -24.99
CA PRO A 108 -19.10 -0.65 -25.15
C PRO A 108 -19.78 -0.03 -23.93
N PHE A 109 -19.24 1.08 -23.48
CA PHE A 109 -19.86 1.89 -22.43
C PHE A 109 -20.00 1.16 -21.11
N MET A 110 -19.15 0.14 -20.87
CA MET A 110 -19.08 -0.51 -19.57
C MET A 110 -18.40 0.30 -18.48
N PRO A 111 -17.29 1.02 -18.75
CA PRO A 111 -16.45 1.47 -17.62
C PRO A 111 -16.93 2.74 -16.96
N ALA A 112 -16.84 2.75 -15.64
CA ALA A 112 -16.86 3.99 -14.88
C ALA A 112 -15.41 4.44 -14.68
N SER A 113 -15.08 5.05 -13.56
CA SER A 113 -13.69 5.36 -13.29
C SER A 113 -12.84 4.08 -13.30
N ALA A 114 -11.54 4.24 -13.51
CA ALA A 114 -10.66 3.09 -13.37
C ALA A 114 -10.68 2.56 -11.95
N GLU A 115 -10.84 3.44 -10.97
CA GLU A 115 -10.90 2.99 -9.57
C GLU A 115 -12.07 2.03 -9.36
N ALA A 116 -13.26 2.39 -9.84
CA ALA A 116 -14.43 1.54 -9.64
C ALA A 116 -14.33 0.30 -10.50
N THR A 117 -13.92 0.46 -11.76
CA THR A 117 -13.95 -0.64 -12.70
C THR A 117 -12.86 -1.65 -12.38
N SER A 118 -11.73 -1.19 -11.84
CA SER A 118 -10.65 -2.09 -11.47
C SER A 118 -11.03 -2.96 -10.28
N GLN A 119 -11.65 -2.40 -9.24
CA GLN A 119 -12.13 -3.21 -8.14
C GLN A 119 -13.17 -4.23 -8.62
N ALA A 120 -14.05 -3.80 -9.51
CA ALA A 120 -15.02 -4.72 -10.09
C ALA A 120 -14.32 -5.88 -10.78
N LEU A 121 -13.30 -5.58 -11.60
CA LEU A 121 -12.54 -6.62 -12.29
C LEU A 121 -11.91 -7.59 -11.29
N GLN A 122 -11.28 -7.07 -10.24
CA GLN A 122 -10.63 -7.96 -9.30
C GLN A 122 -11.62 -8.87 -8.59
N GLU A 123 -12.75 -8.33 -8.12
CA GLU A 123 -13.74 -9.18 -7.47
C GLU A 123 -14.28 -10.21 -8.44
N TYR A 124 -14.48 -9.81 -9.68
CA TYR A 124 -14.94 -10.71 -10.74
C TYR A 124 -13.99 -11.89 -10.89
N VAL A 125 -12.69 -11.59 -11.01
CA VAL A 125 -11.65 -12.62 -11.11
C VAL A 125 -11.56 -13.45 -9.83
N ASP A 126 -11.79 -12.85 -8.67
CA ASP A 126 -11.72 -13.61 -7.41
C ASP A 126 -12.86 -14.62 -7.31
N THR A 127 -13.94 -14.40 -8.09
CA THR A 127 -15.17 -15.16 -7.94
C THR A 127 -15.51 -15.80 -9.29
N VAL A 128 -16.46 -15.26 -10.04
CA VAL A 128 -17.06 -16.02 -11.11
C VAL A 128 -16.09 -16.28 -12.26
N ALA A 129 -15.07 -15.45 -12.44
CA ALA A 129 -14.16 -15.52 -13.56
C ALA A 129 -12.82 -16.14 -13.20
N ALA A 130 -12.72 -16.77 -12.02
CA ALA A 130 -11.44 -17.31 -11.56
C ALA A 130 -10.80 -18.26 -12.57
N SER A 131 -11.58 -19.01 -13.34
CA SER A 131 -10.99 -20.01 -14.20
C SER A 131 -10.07 -19.41 -15.26
N ASP A 132 -10.29 -18.15 -15.65
CA ASP A 132 -9.44 -17.52 -16.64
C ASP A 132 -7.98 -17.46 -16.17
N LEU A 133 -7.75 -17.34 -14.86
CA LEU A 133 -6.42 -17.07 -14.34
C LEU A 133 -5.93 -18.17 -13.41
N LYS A 134 -6.59 -19.33 -13.42
CA LYS A 134 -6.22 -20.44 -12.53
C LYS A 134 -4.77 -20.86 -12.69
N ASP A 135 -4.15 -20.63 -13.85
CA ASP A 135 -2.78 -21.11 -14.06
C ASP A 135 -1.73 -20.13 -13.55
N TYR A 136 -2.14 -19.04 -12.91
CA TYR A 136 -1.26 -17.96 -12.47
C TYR A 136 -1.50 -17.64 -11.00
N LYS A 137 -0.53 -16.98 -10.39
CA LYS A 137 -0.75 -16.24 -9.17
C LYS A 137 -1.19 -14.83 -9.57
N VAL A 138 -2.41 -14.48 -9.23
CA VAL A 138 -2.94 -13.17 -9.59
C VAL A 138 -2.40 -12.16 -8.58
N LEU A 139 -1.70 -11.13 -9.07
CA LEU A 139 -1.39 -10.00 -8.22
C LEU A 139 -2.52 -8.98 -8.27
N ALA A 140 -2.92 -8.54 -9.46
CA ALA A 140 -4.13 -7.75 -9.58
C ALA A 140 -4.57 -7.77 -11.02
N VAL A 141 -5.88 -7.66 -11.21
CA VAL A 141 -6.47 -7.34 -12.51
C VAL A 141 -7.16 -6.00 -12.37
N PHE A 142 -6.90 -5.11 -13.32
CA PHE A 142 -7.38 -3.73 -13.25
C PHE A 142 -7.45 -3.19 -14.67
N CYS A 143 -7.69 -1.89 -14.82
CA CYS A 143 -7.93 -1.34 -16.15
C CYS A 143 -7.58 0.13 -16.16
N HIS A 144 -7.55 0.69 -17.36
CA HIS A 144 -7.28 2.11 -17.53
C HIS A 144 -8.60 2.92 -17.43
N ALA A 145 -8.45 4.21 -17.21
CA ALA A 145 -9.61 5.09 -17.32
C ALA A 145 -10.16 4.99 -18.74
N PRO A 146 -11.44 5.28 -18.94
CA PRO A 146 -12.02 5.05 -20.27
C PRO A 146 -11.19 5.62 -21.41
N GLY A 147 -11.03 4.82 -22.44
CA GLY A 147 -10.30 5.26 -23.60
C GLY A 147 -10.98 6.39 -24.38
N LYS A 148 -10.15 7.11 -25.14
CA LYS A 148 -10.57 8.21 -25.99
C LYS A 148 -10.22 7.88 -27.43
N ILE A 149 -10.82 8.66 -28.34
CA ILE A 149 -10.66 8.51 -29.79
C ILE A 149 -9.69 9.57 -30.28
N HIS A 150 -8.67 9.14 -31.01
CA HIS A 150 -7.62 10.03 -31.47
C HIS A 150 -7.46 9.90 -32.98
N THR A 151 -7.40 11.04 -33.63
CA THR A 151 -7.17 11.14 -35.06
C THR A 151 -6.13 12.22 -35.33
N LYS A 152 -5.55 12.19 -36.52
CA LYS A 152 -4.51 13.15 -36.83
C LYS A 152 -5.02 14.58 -36.76
N GLU A 153 -6.16 14.85 -37.40
CA GLU A 153 -6.69 16.21 -37.46
C GLU A 153 -8.22 16.28 -37.47
N LYS A 154 -8.89 15.23 -37.91
CA LYS A 154 -10.34 15.31 -38.12
C LYS A 154 -11.07 15.15 -36.80
N VAL A 155 -11.91 16.12 -36.45
CA VAL A 155 -12.67 16.00 -35.22
C VAL A 155 -13.73 14.93 -35.38
N ILE A 156 -13.83 14.05 -34.41
CA ILE A 156 -14.85 13.00 -34.41
C ILE A 156 -16.03 13.51 -33.59
N LYS A 157 -17.07 13.95 -34.29
CA LYS A 157 -18.30 14.45 -33.66
C LYS A 157 -19.39 13.41 -33.57
N SER A 158 -19.30 12.36 -34.37
CA SER A 158 -20.34 11.35 -34.46
C SER A 158 -19.73 10.11 -35.10
N ALA A 159 -20.45 9.00 -35.01
CA ALA A 159 -20.01 7.76 -35.65
C ALA A 159 -19.70 7.94 -37.13
N ALA A 160 -20.51 8.73 -37.84
CA ALA A 160 -20.30 8.87 -39.27
C ALA A 160 -18.92 9.44 -39.59
N ASP A 161 -18.35 10.25 -38.69
CA ASP A 161 -17.03 10.81 -38.93
C ASP A 161 -15.95 9.75 -38.94
N LEU A 162 -16.24 8.57 -38.40
CA LEU A 162 -15.30 7.47 -38.44
C LEU A 162 -15.37 6.65 -39.72
N ASN A 163 -16.39 6.84 -40.54
CA ASN A 163 -16.50 6.06 -41.78
C ASN A 163 -15.24 6.20 -42.61
N GLY A 164 -14.71 5.06 -43.02
CA GLY A 164 -13.54 5.02 -43.86
C GLY A 164 -12.22 5.20 -43.12
N MET A 165 -12.25 5.52 -41.84
N MET A 165 -12.26 5.54 -41.83
CA MET A 165 -11.04 5.79 -41.09
CA MET A 165 -11.05 5.80 -41.05
C MET A 165 -10.49 4.51 -40.49
C MET A 165 -10.50 4.49 -40.52
N LYS A 166 -9.21 4.26 -40.73
CA LYS A 166 -8.55 3.07 -40.22
C LYS A 166 -8.12 3.37 -38.80
N MET A 167 -8.76 2.70 -37.84
CA MET A 167 -8.63 3.04 -36.43
C MET A 167 -8.09 1.85 -35.66
N ARG A 168 -6.98 2.07 -34.97
CA ARG A 168 -6.38 1.03 -34.15
C ARG A 168 -7.16 0.81 -32.85
N GLY A 169 -7.32 -0.46 -32.48
CA GLY A 169 -7.73 -0.83 -31.15
C GLY A 169 -6.79 -1.87 -30.56
N PRO A 170 -6.86 -2.07 -29.24
CA PRO A 170 -5.89 -2.96 -28.56
C PRO A 170 -6.24 -4.44 -28.60
N THR A 171 -7.50 -4.80 -28.79
CA THR A 171 -7.97 -6.17 -28.67
C THR A 171 -9.11 -6.40 -29.65
N ARG A 172 -9.48 -7.67 -29.79
CA ARG A 172 -10.53 -8.04 -30.71
C ARG A 172 -11.87 -7.42 -30.32
N VAL A 173 -12.18 -7.40 -29.03
CA VAL A 173 -13.42 -6.78 -28.60
C VAL A 173 -13.46 -5.30 -28.98
N ILE A 174 -12.36 -4.58 -28.73
CA ILE A 174 -12.38 -3.16 -29.00
C ILE A 174 -12.35 -2.87 -30.48
N THR A 175 -11.67 -3.68 -31.28
CA THR A 175 -11.75 -3.46 -32.72
C THR A 175 -13.15 -3.72 -33.25
N LYS A 176 -13.84 -4.74 -32.71
CA LYS A 176 -15.23 -4.95 -33.11
C LYS A 176 -16.09 -3.75 -32.74
N MET A 177 -15.80 -3.10 -31.60
CA MET A 177 -16.53 -1.89 -31.26
C MET A 177 -16.29 -0.81 -32.30
N LEU A 178 -15.03 -0.64 -32.70
CA LEU A 178 -14.69 0.35 -33.72
C LEU A 178 -15.41 0.06 -35.02
N GLU A 179 -15.47 -1.21 -35.44
CA GLU A 179 -16.26 -1.54 -36.61
C GLU A 179 -17.72 -1.16 -36.44
N GLY A 180 -18.28 -1.37 -35.23
CA GLY A 180 -19.67 -1.09 -35.02
C GLY A 180 -19.98 0.39 -34.99
N LEU A 181 -18.96 1.20 -34.75
CA LEU A 181 -19.10 2.65 -34.83
C LEU A 181 -18.82 3.19 -36.23
N GLY A 182 -18.51 2.31 -37.19
CA GLY A 182 -18.34 2.71 -38.57
C GLY A 182 -16.91 2.72 -39.05
N ALA A 183 -15.94 2.49 -38.19
CA ALA A 183 -14.54 2.56 -38.58
C ALA A 183 -14.09 1.28 -39.25
N THR A 184 -12.92 1.36 -39.87
CA THR A 184 -12.20 0.20 -40.36
C THR A 184 -11.21 -0.19 -39.28
N PRO A 185 -11.44 -1.28 -38.54
CA PRO A 185 -10.56 -1.59 -37.40
C PRO A 185 -9.24 -2.19 -37.81
N VAL A 186 -8.21 -1.88 -37.03
CA VAL A 186 -6.90 -2.51 -37.14
C VAL A 186 -6.44 -2.80 -35.71
N GLY A 187 -5.96 -4.00 -35.45
CA GLY A 187 -5.48 -4.37 -34.12
C GLY A 187 -3.97 -4.37 -34.06
N MET A 188 -3.42 -3.85 -32.96
CA MET A 188 -1.97 -3.99 -32.71
C MET A 188 -1.66 -3.57 -31.28
N PRO A 189 -0.62 -4.14 -30.65
CA PRO A 189 -0.16 -3.61 -29.36
C PRO A 189 0.30 -2.17 -29.49
N VAL A 190 0.22 -1.45 -28.39
CA VAL A 190 0.39 0.00 -28.41
C VAL A 190 1.77 0.46 -28.91
N PRO A 191 2.87 -0.28 -28.71
CA PRO A 191 4.16 0.24 -29.21
C PRO A 191 4.23 0.35 -30.73
N ALA A 192 3.31 -0.28 -31.46
CA ALA A 192 3.28 -0.26 -32.92
C ALA A 192 2.46 0.91 -33.49
N VAL A 193 1.75 1.64 -32.64
CA VAL A 193 0.78 2.62 -33.12
C VAL A 193 1.47 3.80 -33.80
N ALA A 194 2.51 4.36 -33.16
CA ALA A 194 3.14 5.57 -33.69
C ALA A 194 3.66 5.32 -35.10
N GLY A 195 4.34 4.19 -35.30
CA GLY A 195 4.88 3.90 -36.62
C GLY A 195 3.78 3.71 -37.64
N ALA A 196 2.70 3.06 -37.25
CA ALA A 196 1.58 2.85 -38.15
C ALA A 196 0.93 4.18 -38.53
N LEU A 197 0.89 5.14 -37.61
CA LEU A 197 0.41 6.49 -37.95
C LEU A 197 1.36 7.19 -38.92
N SER A 198 2.66 7.22 -38.61
CA SER A 198 3.61 8.00 -39.39
C SER A 198 3.76 7.45 -40.79
N LYS A 199 3.51 6.15 -40.97
CA LYS A 199 3.60 5.49 -42.26
C LYS A 199 2.25 5.44 -42.98
N GLY A 200 1.21 6.01 -42.37
CA GLY A 200 -0.10 6.04 -42.98
C GLY A 200 -0.84 4.72 -43.01
N VAL A 201 -0.51 3.76 -42.12
CA VAL A 201 -1.25 2.49 -42.06
C VAL A 201 -2.55 2.63 -41.27
N ILE A 202 -2.61 3.54 -40.31
CA ILE A 202 -3.84 3.85 -39.59
C ILE A 202 -4.02 5.36 -39.61
N ASP A 203 -5.27 5.76 -39.46
CA ASP A 203 -5.63 7.17 -39.36
C ASP A 203 -5.81 7.64 -37.93
N GLY A 204 -5.83 6.72 -36.97
CA GLY A 204 -6.07 7.08 -35.60
C GLY A 204 -6.17 5.83 -34.78
N MET A 205 -6.59 6.01 -33.53
CA MET A 205 -6.58 4.90 -32.58
C MET A 205 -7.46 5.26 -31.40
N VAL A 206 -7.79 4.24 -30.63
CA VAL A 206 -8.28 4.43 -29.28
C VAL A 206 -7.19 4.04 -28.28
N VAL A 207 -7.00 4.89 -27.28
CA VAL A 207 -6.19 4.67 -26.09
C VAL A 207 -6.67 5.67 -25.05
N PRO A 208 -6.45 5.41 -23.77
CA PRO A 208 -6.58 6.47 -22.78
C PRO A 208 -5.45 7.48 -22.96
N TRP A 209 -5.57 8.61 -22.28
CA TRP A 209 -4.50 9.61 -22.38
C TRP A 209 -3.18 9.06 -21.86
N GLU A 210 -3.21 8.24 -20.79
CA GLU A 210 -2.02 8.05 -19.96
C GLU A 210 -0.88 7.40 -20.72
N ILE A 211 -1.20 6.55 -21.71
CA ILE A 211 -0.17 5.81 -22.45
C ILE A 211 0.44 6.65 -23.57
N MET A 212 -0.19 7.77 -23.92
CA MET A 212 0.16 8.44 -25.17
C MET A 212 1.54 9.07 -25.11
N PRO A 213 1.92 9.79 -24.06
CA PRO A 213 3.20 10.51 -24.13
C PRO A 213 4.39 9.58 -24.22
N SER A 214 4.26 8.37 -23.70
CA SER A 214 5.35 7.40 -23.74
C SER A 214 5.71 6.99 -25.16
N PHE A 215 4.82 7.25 -26.12
CA PHE A 215 5.06 6.95 -27.53
C PHE A 215 4.85 8.18 -28.41
N LYS A 216 4.84 9.37 -27.83
CA LYS A 216 4.68 10.62 -28.59
C LYS A 216 3.33 10.70 -29.30
N LEU A 217 2.35 9.91 -28.86
CA LEU A 217 1.11 9.82 -29.62
C LEU A 217 0.29 11.09 -29.55
N HIS A 218 0.51 11.93 -28.54
CA HIS A 218 -0.17 13.21 -28.46
C HIS A 218 0.44 14.25 -29.37
N GLU A 219 1.64 13.99 -29.90
CA GLU A 219 2.21 14.80 -30.97
C GLU A 219 1.68 14.36 -32.33
N LEU A 220 1.44 13.06 -32.50
CA LEU A 220 1.05 12.51 -33.79
C LEU A 220 -0.44 12.55 -34.03
N THR A 221 -1.25 12.75 -32.99
CA THR A 221 -2.67 13.00 -33.15
C THR A 221 -3.03 14.27 -32.42
N LYS A 222 -3.75 15.17 -33.11
CA LYS A 222 -4.15 16.43 -32.53
C LYS A 222 -5.64 16.54 -32.28
N ALA A 223 -6.43 15.61 -32.77
CA ALA A 223 -7.87 15.63 -32.53
C ALA A 223 -8.24 14.48 -31.60
N HIS A 224 -8.97 14.80 -30.53
CA HIS A 224 -9.27 13.85 -29.48
C HIS A 224 -10.74 14.00 -29.10
N THR A 225 -11.42 12.85 -29.00
CA THR A 225 -12.83 12.81 -28.63
C THR A 225 -13.02 11.88 -27.45
N THR A 226 -13.79 12.35 -26.48
CA THR A 226 -14.21 11.56 -25.35
C THR A 226 -15.73 11.55 -25.33
N VAL A 227 -16.31 10.97 -24.28
CA VAL A 227 -17.75 10.97 -24.12
C VAL A 227 -18.10 11.58 -22.79
N SER A 228 -19.20 12.33 -22.79
CA SER A 228 -19.74 12.89 -21.57
C SER A 228 -20.54 11.82 -20.83
N GLY A 229 -20.93 12.14 -19.60
CA GLY A 229 -21.69 11.21 -18.81
C GLY A 229 -20.81 10.31 -17.98
N SER A 230 -21.46 9.29 -17.40
CA SER A 230 -20.85 8.52 -16.33
C SER A 230 -20.35 7.16 -16.78
N ARG A 231 -20.43 6.84 -18.07
CA ARG A 231 -19.83 5.62 -18.61
C ARG A 231 -19.02 5.97 -19.84
N GLY A 232 -17.73 5.62 -19.80
CA GLY A 232 -16.83 5.95 -20.87
C GLY A 232 -16.92 4.96 -22.00
N LEU A 233 -16.17 5.26 -23.08
CA LEU A 233 -16.31 4.52 -24.32
C LEU A 233 -16.01 3.04 -24.13
N TYR A 234 -14.89 2.71 -23.49
CA TYR A 234 -14.46 1.35 -23.28
C TYR A 234 -13.27 1.40 -22.34
N THR A 235 -12.94 0.25 -21.80
CA THR A 235 -11.63 0.05 -21.21
C THR A 235 -11.17 -1.35 -21.59
N THR A 236 -9.92 -1.66 -21.26
CA THR A 236 -9.42 -3.02 -21.51
C THR A 236 -8.65 -3.52 -20.29
N PRO A 237 -8.90 -4.74 -19.84
CA PRO A 237 -8.23 -5.23 -18.63
C PRO A 237 -6.74 -5.47 -18.78
N PHE A 238 -6.02 -5.00 -17.78
CA PHE A 238 -4.61 -5.31 -17.55
C PHE A 238 -4.47 -6.47 -16.58
N LEU A 239 -3.42 -7.28 -16.79
CA LEU A 239 -3.10 -8.41 -15.94
C LEU A 239 -1.74 -8.13 -15.30
N PHE A 240 -1.70 -8.23 -13.98
CA PHE A 240 -0.45 -8.15 -13.21
C PHE A 240 -0.35 -9.50 -12.51
N LEU A 241 0.53 -10.36 -13.03
CA LEU A 241 0.53 -11.78 -12.71
C LEU A 241 1.91 -12.26 -12.31
N MET A 242 1.94 -13.25 -11.42
CA MET A 242 3.16 -13.90 -11.00
C MET A 242 3.09 -15.37 -11.37
N ASN A 243 4.24 -15.96 -11.64
CA ASN A 243 4.31 -17.39 -11.89
C ASN A 243 3.87 -18.15 -10.65
N LYS A 244 2.98 -19.12 -10.84
CA LYS A 244 2.39 -19.82 -9.71
C LYS A 244 3.45 -20.60 -8.93
N ALA A 245 4.27 -21.40 -9.63
CA ALA A 245 5.27 -22.21 -8.94
C ALA A 245 6.23 -21.33 -8.14
N LYS A 246 6.58 -20.17 -8.68
CA LYS A 246 7.50 -19.27 -8.00
C LYS A 246 6.86 -18.72 -6.73
N TYR A 247 5.62 -18.26 -6.83
CA TYR A 247 4.89 -17.85 -5.63
C TYR A 247 4.83 -18.99 -4.62
N GLU A 248 4.49 -20.21 -5.07
CA GLU A 248 4.34 -21.32 -4.12
C GLU A 248 5.66 -21.70 -3.48
N SER A 249 6.79 -21.43 -4.14
CA SER A 249 8.10 -21.73 -3.58
C SER A 249 8.53 -20.75 -2.50
N LEU A 250 7.86 -19.60 -2.38
CA LEU A 250 8.25 -18.60 -1.40
C LEU A 250 7.95 -19.09 0.01
N SER A 251 8.74 -18.60 0.95
CA SER A 251 8.47 -18.84 2.35
C SER A 251 7.10 -18.27 2.72
N ASP A 252 6.58 -18.75 3.85
CA ASP A 252 5.34 -18.20 4.37
C ASP A 252 5.46 -16.69 4.57
N GLU A 253 6.59 -16.21 5.11
CA GLU A 253 6.70 -14.77 5.33
C GLU A 253 6.77 -14.01 4.01
N HIS A 254 7.45 -14.56 3.01
CA HIS A 254 7.51 -13.89 1.72
C HIS A 254 6.17 -13.90 1.01
N LYS A 255 5.43 -15.02 1.09
CA LYS A 255 4.07 -15.04 0.55
C LYS A 255 3.25 -13.92 1.18
N LYS A 256 3.39 -13.71 2.49
CA LYS A 256 2.60 -12.69 3.15
C LYS A 256 2.96 -11.29 2.65
N VAL A 257 4.23 -11.04 2.33
CA VAL A 257 4.58 -9.75 1.72
C VAL A 257 3.91 -9.60 0.37
N ILE A 258 3.99 -10.63 -0.47
CA ILE A 258 3.36 -10.56 -1.78
C ILE A 258 1.85 -10.33 -1.63
N ASP A 259 1.21 -11.09 -0.72
CA ASP A 259 -0.24 -11.01 -0.61
C ASP A 259 -0.69 -9.68 0.00
N ASN A 260 0.15 -9.07 0.82
CA ASN A 260 -0.10 -7.72 1.33
C ASN A 260 0.03 -6.69 0.22
N ASN A 261 0.55 -7.08 -0.92
CA ASN A 261 0.72 -6.24 -2.08
C ASN A 261 0.03 -6.86 -3.29
N ALA A 262 -1.15 -7.43 -3.05
CA ALA A 262 -1.92 -8.08 -4.08
C ALA A 262 -3.39 -7.95 -3.73
N GLY A 263 -4.23 -8.37 -4.66
CA GLY A 263 -5.65 -8.52 -4.41
C GLY A 263 -6.42 -7.21 -4.58
N LEU A 264 -7.59 -7.18 -3.95
CA LEU A 264 -8.51 -6.05 -4.15
C LEU A 264 -7.89 -4.71 -3.78
N ALA A 265 -7.12 -4.66 -2.69
CA ALA A 265 -6.50 -3.41 -2.30
C ALA A 265 -5.54 -2.92 -3.40
N LEU A 266 -4.80 -3.83 -4.02
CA LEU A 266 -3.91 -3.42 -5.10
C LEU A 266 -4.71 -2.99 -6.32
N ALA A 267 -5.80 -3.70 -6.63
CA ALA A 267 -6.61 -3.30 -7.78
C ALA A 267 -7.20 -1.92 -7.57
N LYS A 268 -7.65 -1.61 -6.34
CA LYS A 268 -8.20 -0.30 -6.05
C LYS A 268 -7.13 0.78 -6.22
N LEU A 269 -5.94 0.56 -5.64
CA LEU A 269 -4.85 1.49 -5.78
C LEU A 269 -4.47 1.67 -7.25
N ALA A 270 -4.38 0.57 -7.98
CA ALA A 270 -4.05 0.66 -9.40
C ALA A 270 -5.07 1.48 -10.15
N GLY A 271 -6.37 1.24 -9.90
CA GLY A 271 -7.39 2.02 -10.59
C GLY A 271 -7.29 3.48 -10.25
N GLN A 272 -7.07 3.80 -8.97
CA GLN A 272 -6.89 5.18 -8.57
C GLN A 272 -5.71 5.80 -9.29
N LEU A 273 -4.60 5.07 -9.36
CA LEU A 273 -3.44 5.58 -10.07
C LEU A 273 -3.77 5.83 -11.53
N TRP A 274 -4.45 4.89 -12.19
CA TRP A 274 -4.72 5.05 -13.61
C TRP A 274 -5.68 6.20 -13.89
N ASP A 275 -6.63 6.47 -12.99
CA ASP A 275 -7.42 7.68 -13.14
C ASP A 275 -6.54 8.91 -13.08
N GLY A 276 -5.62 8.94 -12.10
CA GLY A 276 -4.74 10.08 -11.97
C GLY A 276 -3.82 10.25 -13.15
N PHE A 277 -3.37 9.14 -13.75
CA PHE A 277 -2.41 9.25 -14.84
C PHE A 277 -2.98 9.98 -16.04
N GLU A 278 -4.32 9.98 -16.20
CA GLU A 278 -4.91 10.71 -17.32
C GLU A 278 -4.60 12.20 -17.25
N VAL A 279 -4.50 12.77 -16.05
CA VAL A 279 -4.49 14.22 -15.87
C VAL A 279 -3.24 14.85 -16.50
N PRO A 280 -2.03 14.43 -16.16
CA PRO A 280 -0.87 15.09 -16.77
C PRO A 280 -0.77 14.78 -18.24
N ALA A 281 -1.22 13.61 -18.66
CA ALA A 281 -1.12 13.21 -20.05
C ALA A 281 -2.07 14.03 -20.92
N ARG A 282 -3.29 14.25 -20.43
N ARG A 282 -3.29 14.25 -20.43
CA ARG A 282 -4.22 15.11 -21.15
CA ARG A 282 -4.22 15.12 -21.14
C ARG A 282 -3.65 16.52 -21.29
C ARG A 282 -3.64 16.51 -21.29
N LYS A 283 -3.03 17.03 -20.21
CA LYS A 283 -2.44 18.36 -20.27
C LYS A 283 -1.34 18.42 -21.33
N LEU A 284 -0.46 17.41 -21.38
CA LEU A 284 0.54 17.37 -22.44
C LEU A 284 -0.10 17.42 -23.82
N ALA A 285 -1.19 16.67 -24.01
CA ALA A 285 -1.82 16.62 -25.32
C ALA A 285 -2.43 17.95 -25.71
N LEU A 286 -3.06 18.65 -24.77
CA LEU A 286 -3.62 19.95 -25.08
C LEU A 286 -2.53 21.00 -25.25
N ASP A 287 -1.49 20.94 -24.42
CA ASP A 287 -0.37 21.86 -24.60
C ASP A 287 0.28 21.70 -25.97
N ALA A 288 0.28 20.49 -26.52
CA ALA A 288 0.84 20.21 -27.84
C ALA A 288 -0.06 20.65 -28.99
N GLY A 289 -1.20 21.28 -28.70
CA GLY A 289 -2.07 21.79 -29.73
C GLY A 289 -3.29 20.94 -30.01
N GLY A 290 -3.66 20.06 -29.11
CA GLY A 290 -4.79 19.21 -29.35
C GLY A 290 -6.12 19.89 -29.07
N THR A 291 -7.15 19.33 -29.68
CA THR A 291 -8.53 19.61 -29.34
C THR A 291 -9.11 18.42 -28.59
N ILE A 292 -10.08 18.71 -27.73
CA ILE A 292 -10.79 17.66 -27.01
C ILE A 292 -12.27 17.96 -27.09
N HIS A 293 -13.00 17.03 -27.69
CA HIS A 293 -14.42 17.16 -27.94
C HIS A 293 -15.13 16.04 -27.16
N SER A 294 -16.24 16.38 -26.53
CA SER A 294 -16.94 15.43 -25.65
C SER A 294 -18.33 15.17 -26.22
N LEU A 295 -18.59 13.95 -26.66
CA LEU A 295 -19.88 13.61 -27.25
C LEU A 295 -20.98 13.62 -26.21
N SER A 296 -22.12 14.16 -26.60
N SER A 296 -22.13 14.15 -26.63
CA SER A 296 -23.32 14.17 -25.78
CA SER A 296 -23.31 14.24 -25.79
C SER A 296 -24.52 14.04 -26.71
C SER A 296 -24.53 14.18 -26.71
N GLY A 297 -25.71 14.07 -26.10
CA GLY A 297 -26.93 14.17 -26.88
C GLY A 297 -27.08 13.10 -27.94
N GLY A 298 -27.52 13.50 -29.12
CA GLY A 298 -27.78 12.59 -30.21
C GLY A 298 -26.57 11.76 -30.62
N PRO A 299 -25.45 12.41 -30.88
CA PRO A 299 -24.25 11.65 -31.27
C PRO A 299 -23.83 10.62 -30.24
N LEU A 300 -23.92 10.95 -28.96
CA LEU A 300 -23.58 9.95 -27.95
C LEU A 300 -24.59 8.82 -27.94
N ALA A 301 -25.88 9.16 -28.00
CA ALA A 301 -26.91 8.13 -28.00
C ALA A 301 -26.75 7.16 -29.17
N GLU A 302 -26.36 7.68 -30.32
CA GLU A 302 -26.13 6.83 -31.49
C GLU A 302 -25.00 5.82 -31.24
N MET A 303 -23.91 6.28 -30.62
CA MET A 303 -22.83 5.35 -30.28
C MET A 303 -23.28 4.32 -29.26
N LYS A 304 -24.05 4.72 -28.24
CA LYS A 304 -24.50 3.74 -27.25
C LYS A 304 -25.46 2.73 -27.87
N ALA A 305 -26.33 3.17 -28.78
CA ALA A 305 -27.23 2.23 -29.43
C ALA A 305 -26.45 1.22 -30.26
N ALA A 306 -25.42 1.69 -30.99
CA ALA A 306 -24.57 0.79 -31.74
C ALA A 306 -23.89 -0.20 -30.81
N GLY A 307 -23.48 0.27 -29.62
CA GLY A 307 -22.83 -0.60 -28.66
C GLY A 307 -23.69 -1.76 -28.21
N GLU A 308 -25.00 -1.53 -28.12
CA GLU A 308 -25.91 -2.60 -27.69
C GLU A 308 -25.85 -3.77 -28.63
N GLY A 309 -25.56 -3.54 -29.91
CA GLY A 309 -25.44 -4.65 -30.83
C GLY A 309 -24.27 -5.53 -30.49
N LEU A 310 -23.12 -4.92 -30.15
CA LEU A 310 -21.96 -5.70 -29.77
C LEU A 310 -22.19 -6.41 -28.45
N GLU A 311 -22.88 -5.78 -27.50
CA GLU A 311 -23.16 -6.45 -26.24
C GLU A 311 -23.99 -7.71 -26.48
N LYS A 312 -25.04 -7.59 -27.29
CA LYS A 312 -25.90 -8.71 -27.63
C LYS A 312 -25.10 -9.84 -28.29
N ASP A 313 -24.26 -9.48 -29.27
CA ASP A 313 -23.49 -10.50 -29.96
C ASP A 313 -22.44 -11.11 -29.06
N TRP A 314 -21.87 -10.32 -28.14
CA TRP A 314 -20.91 -10.86 -27.20
C TRP A 314 -21.56 -11.91 -26.30
N ILE A 315 -22.75 -11.61 -25.79
CA ILE A 315 -23.45 -12.56 -24.93
C ILE A 315 -23.65 -13.88 -25.66
N LYS A 316 -24.08 -13.82 -26.92
CA LYS A 316 -24.23 -15.05 -27.69
C LYS A 316 -22.89 -15.77 -27.85
N SER A 317 -21.82 -15.03 -28.13
N SER A 317 -21.81 -15.03 -28.13
CA SER A 317 -20.51 -15.64 -28.30
CA SER A 317 -20.48 -15.63 -28.31
C SER A 317 -20.02 -16.29 -27.01
C SER A 317 -19.96 -16.25 -27.01
N ALA A 318 -20.33 -15.67 -25.87
CA ALA A 318 -19.95 -16.26 -24.59
C ALA A 318 -20.73 -17.55 -24.36
N ASN A 319 -22.03 -17.54 -24.65
CA ASN A 319 -22.83 -18.74 -24.59
C ASN A 319 -22.19 -19.86 -25.41
N ASP A 320 -21.76 -19.52 -26.63
CA ASP A 320 -21.19 -20.51 -27.53
C ASP A 320 -19.88 -21.08 -26.98
N ARG A 321 -19.22 -20.36 -26.09
CA ARG A 321 -17.98 -20.80 -25.46
C ARG A 321 -18.23 -21.39 -24.08
N GLY A 322 -19.46 -21.76 -23.76
CA GLY A 322 -19.74 -22.41 -22.50
C GLY A 322 -19.92 -21.51 -21.32
N LEU A 323 -20.10 -20.21 -21.52
CA LEU A 323 -20.28 -19.27 -20.43
C LEU A 323 -21.70 -18.74 -20.44
N ASP A 324 -22.17 -18.31 -19.27
CA ASP A 324 -23.48 -17.66 -19.16
C ASP A 324 -23.25 -16.18 -19.43
N GLY A 325 -23.33 -15.81 -20.71
CA GLY A 325 -22.98 -14.46 -21.11
C GLY A 325 -23.82 -13.41 -20.42
N ALA A 326 -25.13 -13.64 -20.35
CA ALA A 326 -26.02 -12.66 -19.70
C ALA A 326 -25.66 -12.49 -18.23
N MET A 327 -25.36 -13.59 -17.54
CA MET A 327 -25.03 -13.49 -16.13
C MET A 327 -23.72 -12.73 -15.95
N LEU A 328 -22.75 -12.97 -16.83
CA LEU A 328 -21.46 -12.29 -16.68
C LEU A 328 -21.59 -10.79 -16.91
N VAL A 329 -22.36 -10.39 -17.92
CA VAL A 329 -22.55 -8.96 -18.19
C VAL A 329 -23.24 -8.28 -17.02
N LYS A 330 -24.29 -8.92 -16.50
CA LYS A 330 -24.98 -8.38 -15.32
C LYS A 330 -24.03 -8.26 -14.14
N THR A 331 -23.24 -9.31 -13.89
CA THR A 331 -22.31 -9.28 -12.76
C THR A 331 -21.31 -8.15 -12.93
N ALA A 332 -20.73 -8.02 -14.12
CA ALA A 332 -19.79 -6.94 -14.37
C ALA A 332 -20.43 -5.58 -14.12
N LYS A 333 -21.62 -5.34 -14.68
N LYS A 333 -21.62 -5.34 -14.68
CA LYS A 333 -22.29 -4.06 -14.48
CA LYS A 333 -22.28 -4.05 -14.47
C LYS A 333 -22.57 -3.81 -13.01
C LYS A 333 -22.55 -3.80 -13.00
N ASP A 334 -23.06 -4.82 -12.30
CA ASP A 334 -23.38 -4.63 -10.89
C ASP A 334 -22.11 -4.36 -10.07
N LEU A 335 -21.01 -5.02 -10.38
CA LEU A 335 -19.77 -4.79 -9.61
C LEU A 335 -19.23 -3.40 -9.88
N ILE A 336 -19.31 -2.93 -11.12
CA ILE A 336 -18.86 -1.57 -11.43
C ILE A 336 -19.66 -0.57 -10.61
N SER A 337 -20.99 -0.73 -10.56
CA SER A 337 -21.76 0.25 -9.80
C SER A 337 -21.54 0.10 -8.31
N LYS A 338 -21.29 -1.12 -7.83
CA LYS A 338 -21.01 -1.33 -6.41
C LYS A 338 -19.81 -0.50 -5.97
N TYR A 339 -18.78 -0.46 -6.80
CA TYR A 339 -17.55 0.22 -6.45
C TYR A 339 -17.51 1.67 -6.89
N ASP A 340 -18.58 2.18 -7.50
CA ASP A 340 -18.59 3.53 -8.06
C ASP A 340 -18.93 4.54 -6.97
N LYS A 341 -17.92 4.92 -6.22
CA LYS A 341 -18.11 5.87 -5.13
C LYS A 341 -16.95 6.84 -5.02
N SER B 22 29.05 -12.38 45.72
CA SER B 22 28.38 -12.07 44.45
C SER B 22 29.40 -11.81 43.34
N MET B 23 28.91 -11.69 42.12
CA MET B 23 29.74 -11.79 40.92
C MET B 23 29.20 -10.83 39.85
N GLU B 24 30.11 -10.17 39.13
CA GLU B 24 29.71 -9.24 38.09
C GLU B 24 29.12 -9.99 36.90
N VAL B 25 28.19 -9.34 36.20
CA VAL B 25 27.60 -9.88 34.99
C VAL B 25 27.46 -8.77 33.96
N VAL B 26 27.92 -9.04 32.75
CA VAL B 26 27.81 -8.09 31.65
C VAL B 26 26.62 -8.49 30.78
N LEU B 27 25.75 -7.54 30.51
CA LEU B 27 24.57 -7.78 29.67
C LEU B 27 24.65 -6.89 28.45
N LYS B 28 24.52 -7.50 27.27
CA LYS B 28 24.61 -6.77 26.01
C LYS B 28 23.23 -6.28 25.60
N PHE B 29 23.06 -4.96 25.55
CA PHE B 29 21.83 -4.34 25.07
C PHE B 29 22.02 -3.90 23.61
N HIS B 30 21.03 -4.21 22.77
CA HIS B 30 21.08 -3.88 21.36
C HIS B 30 19.80 -3.18 20.95
N SER B 31 19.92 -2.15 20.11
CA SER B 31 18.74 -1.50 19.56
C SER B 31 19.14 -0.75 18.30
N PHE B 32 18.13 -0.19 17.64
CA PHE B 32 18.33 0.43 16.34
C PHE B 32 18.47 1.96 16.32
N PRO B 33 17.83 2.74 17.19
CA PRO B 33 18.03 4.20 17.09
C PRO B 33 19.47 4.58 17.38
N PRO B 34 19.93 5.71 16.89
CA PRO B 34 21.28 6.16 17.21
C PRO B 34 21.41 6.51 18.68
N MET B 35 22.67 6.64 19.11
CA MET B 35 22.98 6.86 20.52
C MET B 35 22.18 7.99 21.17
N PRO B 36 22.06 9.17 20.56
CA PRO B 36 21.36 10.26 21.24
C PRO B 36 19.85 10.16 21.24
N ALA B 37 19.27 9.18 20.56
CA ALA B 37 17.83 9.06 20.53
C ALA B 37 17.29 8.83 21.94
N ASN B 38 16.06 9.24 22.16
CA ASN B 38 15.50 9.19 23.50
C ASN B 38 15.53 7.78 24.08
N SER B 39 15.20 6.78 23.26
CA SER B 39 15.11 5.43 23.78
C SER B 39 16.44 4.97 24.37
N ASN B 40 17.56 5.39 23.80
CA ASN B 40 18.86 5.07 24.36
C ASN B 40 19.26 6.08 25.45
N ALA B 41 19.36 7.35 25.10
CA ALA B 41 19.99 8.32 26.00
C ALA B 41 19.13 8.64 27.22
N LYS B 42 17.80 8.59 27.07
N LYS B 42 17.80 8.60 27.08
CA LYS B 42 16.90 9.03 28.13
CA LYS B 42 16.91 9.03 28.13
C LYS B 42 16.01 7.92 28.66
C LYS B 42 16.05 7.91 28.70
N PHE B 43 16.23 6.68 28.24
CA PHE B 43 15.49 5.57 28.80
C PHE B 43 16.44 4.44 29.18
N VAL B 44 17.05 3.79 28.18
CA VAL B 44 17.90 2.65 28.52
C VAL B 44 19.11 3.07 29.32
N LYS B 45 19.70 4.22 29.03
CA LYS B 45 20.90 4.62 29.78
C LYS B 45 20.58 4.83 31.24
N PRO B 46 19.59 5.63 31.61
CA PRO B 46 19.29 5.77 33.05
C PRO B 46 18.76 4.49 33.68
N TRP B 47 18.02 3.66 32.94
CA TRP B 47 17.64 2.34 33.43
C TRP B 47 18.89 1.56 33.81
N SER B 48 19.87 1.54 32.91
N SER B 48 19.87 1.54 32.91
CA SER B 48 21.07 0.77 33.18
CA SER B 48 21.08 0.78 33.16
C SER B 48 21.84 1.33 34.37
C SER B 48 21.82 1.32 34.38
N GLU B 49 21.81 2.65 34.55
CA GLU B 49 22.43 3.26 35.72
C GLU B 49 21.76 2.81 37.02
N LYS B 50 20.44 2.69 37.00
CA LYS B 50 19.73 2.26 38.21
C LYS B 50 20.01 0.80 38.50
N VAL B 51 20.07 -0.03 37.46
CA VAL B 51 20.39 -1.44 37.61
C VAL B 51 21.79 -1.61 38.16
N LEU B 52 22.74 -0.79 37.68
CA LEU B 52 24.09 -0.83 38.19
C LEU B 52 24.12 -0.45 39.66
N ALA B 53 23.52 0.69 40.00
CA ALA B 53 23.58 1.17 41.38
C ALA B 53 22.93 0.18 42.33
N GLU B 54 21.77 -0.37 41.97
CA GLU B 54 21.02 -1.23 42.88
C GLU B 54 21.64 -2.62 43.00
N SER B 55 22.50 -3.00 42.07
CA SER B 55 23.25 -4.25 42.17
C SER B 55 24.67 -4.05 42.68
N ASN B 56 24.95 -2.90 43.29
CA ASN B 56 26.26 -2.67 43.89
C ASN B 56 27.36 -2.74 42.84
N GLY B 57 27.04 -2.27 41.65
CA GLY B 57 28.01 -2.22 40.59
C GLY B 57 28.19 -3.51 39.83
N GLU B 58 27.37 -4.52 40.10
CA GLU B 58 27.62 -5.86 39.57
C GLU B 58 26.96 -6.13 38.23
N ILE B 59 25.76 -5.60 37.98
CA ILE B 59 25.08 -5.83 36.71
C ILE B 59 25.41 -4.67 35.81
N LYS B 60 26.20 -4.94 34.77
CA LYS B 60 26.74 -3.94 33.85
C LYS B 60 26.10 -4.10 32.48
N VAL B 61 25.26 -3.18 32.10
CA VAL B 61 24.63 -3.19 30.79
C VAL B 61 25.49 -2.38 29.84
N GLU B 62 25.89 -2.99 28.74
CA GLU B 62 26.64 -2.32 27.67
C GLU B 62 25.66 -2.01 26.55
N ILE B 63 25.61 -0.76 26.14
CA ILE B 63 24.57 -0.26 25.24
C ILE B 63 25.11 -0.15 23.83
N TYR B 64 24.52 -0.90 22.90
CA TYR B 64 24.92 -0.88 21.50
C TYR B 64 23.79 -0.33 20.64
N PRO B 65 23.81 0.97 20.32
CA PRO B 65 22.75 1.57 19.51
C PRO B 65 23.02 1.33 18.02
N ALA B 66 22.10 1.81 17.18
CA ALA B 66 22.32 1.87 15.73
C ALA B 66 22.71 0.50 15.15
N MET B 67 22.13 -0.57 15.71
CA MET B 67 22.41 -1.95 15.28
C MET B 67 23.90 -2.26 15.26
N GLN B 68 24.64 -1.73 16.24
CA GLN B 68 26.09 -1.88 16.28
C GLN B 68 26.58 -3.29 16.51
N LEU B 69 25.71 -4.25 16.81
CA LEU B 69 26.09 -5.65 16.92
C LEU B 69 25.65 -6.48 15.72
N GLY B 70 25.10 -5.81 14.71
CA GLY B 70 24.78 -6.41 13.43
C GLY B 70 23.29 -6.64 13.27
N GLY B 71 22.86 -6.68 12.02
CA GLY B 71 21.49 -7.01 11.68
C GLY B 71 20.64 -5.80 11.40
N LYS B 72 19.39 -6.08 11.08
CA LYS B 72 18.38 -5.06 10.81
C LYS B 72 17.35 -5.03 11.93
N PRO B 73 16.61 -3.95 12.09
CA PRO B 73 15.75 -3.79 13.28
C PRO B 73 14.76 -4.93 13.49
N PRO B 74 14.15 -5.50 12.46
CA PRO B 74 13.22 -6.61 12.73
C PRO B 74 13.90 -7.80 13.40
N GLN B 75 15.23 -7.93 13.28
CA GLN B 75 15.92 -9.07 13.86
C GLN B 75 16.14 -8.95 15.36
N LEU B 76 15.87 -7.79 15.95
CA LEU B 76 16.14 -7.62 17.38
C LEU B 76 15.38 -8.64 18.23
N VAL B 77 14.13 -8.93 17.89
CA VAL B 77 13.38 -9.90 18.70
C VAL B 77 14.01 -11.29 18.60
N ASP B 78 14.51 -11.67 17.42
CA ASP B 78 15.17 -12.96 17.28
C ASP B 78 16.46 -12.99 18.06
N GLN B 79 17.21 -11.90 18.00
CA GLN B 79 18.49 -11.86 18.69
C GLN B 79 18.31 -12.03 20.19
N VAL B 80 17.32 -11.33 20.77
CA VAL B 80 17.11 -11.45 22.21
C VAL B 80 16.51 -12.80 22.56
N ARG B 81 15.59 -13.33 21.73
CA ARG B 81 14.99 -14.63 22.03
C ARG B 81 16.05 -15.70 22.08
N ASP B 82 17.01 -15.64 21.15
CA ASP B 82 17.96 -16.72 20.94
C ASP B 82 19.25 -16.53 21.72
N GLY B 83 19.40 -15.39 22.40
CA GLY B 83 20.59 -15.15 23.19
C GLY B 83 21.76 -14.59 22.42
N VAL B 84 21.54 -14.08 21.21
CA VAL B 84 22.61 -13.37 20.52
C VAL B 84 23.02 -12.15 21.30
N VAL B 85 22.03 -11.46 21.86
CA VAL B 85 22.20 -10.34 22.77
C VAL B 85 21.32 -10.63 23.99
N ASP B 86 21.48 -9.81 25.02
CA ASP B 86 20.78 -10.07 26.29
C ASP B 86 19.54 -9.22 26.50
N ILE B 87 19.51 -8.01 25.97
CA ILE B 87 18.40 -7.08 26.13
C ILE B 87 18.23 -6.33 24.82
N VAL B 88 16.97 -6.06 24.44
CA VAL B 88 16.68 -5.20 23.29
C VAL B 88 15.54 -4.26 23.62
N TRP B 89 15.49 -3.18 22.85
CA TRP B 89 14.34 -2.29 22.77
C TRP B 89 13.97 -2.20 21.30
N THR B 90 12.70 -2.45 20.99
CA THR B 90 12.31 -2.50 19.59
C THR B 90 10.82 -2.23 19.47
N VAL B 91 10.35 -2.20 18.22
CA VAL B 91 8.94 -2.01 17.89
C VAL B 91 8.38 -3.40 17.57
N ALA B 92 7.35 -3.81 18.32
CA ALA B 92 6.78 -5.15 18.17
C ALA B 92 6.41 -5.43 16.72
N GLY B 93 5.74 -4.48 16.06
CA GLY B 93 5.22 -4.67 14.73
C GLY B 93 6.23 -4.65 13.62
N TYR B 94 7.51 -4.39 13.92
CA TYR B 94 8.53 -4.55 12.89
C TYR B 94 8.63 -6.00 12.41
N THR B 95 8.09 -6.94 13.17
CA THR B 95 7.98 -8.35 12.78
C THR B 95 6.50 -8.62 12.71
N PRO B 96 5.87 -8.46 11.54
CA PRO B 96 4.41 -8.56 11.44
C PRO B 96 3.89 -9.92 11.88
N GLY B 97 2.82 -9.88 12.68
CA GLY B 97 2.12 -11.08 13.09
C GLY B 97 2.75 -11.83 14.25
N ARG B 98 3.94 -11.45 14.68
CA ARG B 98 4.63 -12.22 15.70
C ARG B 98 4.01 -12.03 17.08
N PHE B 99 3.45 -10.84 17.34
CA PHE B 99 2.86 -10.50 18.63
C PHE B 99 1.44 -10.04 18.36
N PRO B 100 0.56 -10.98 18.02
CA PRO B 100 -0.75 -10.58 17.47
C PRO B 100 -1.64 -9.89 18.48
N HIS B 101 -1.55 -10.23 19.77
CA HIS B 101 -2.42 -9.56 20.74
C HIS B 101 -2.13 -8.07 20.76
N LEU B 102 -0.86 -7.69 20.59
CA LEU B 102 -0.50 -6.30 20.78
C LEU B 102 -1.05 -5.40 19.68
N GLU B 103 -1.46 -5.98 18.56
CA GLU B 103 -2.05 -5.23 17.46
C GLU B 103 -3.29 -4.48 17.89
N ALA B 104 -4.02 -4.99 18.89
CA ALA B 104 -5.24 -4.31 19.33
C ALA B 104 -4.94 -2.88 19.76
N PHE B 105 -3.74 -2.65 20.30
CA PHE B 105 -3.40 -1.32 20.80
C PHE B 105 -2.99 -0.37 19.69
N GLU B 106 -2.87 -0.86 18.47
CA GLU B 106 -2.48 -0.07 17.32
C GLU B 106 -3.68 0.47 16.56
N LEU B 107 -4.91 0.16 17.01
CA LEU B 107 -6.10 0.53 16.24
C LEU B 107 -6.36 2.03 16.30
N PRO B 108 -7.06 2.57 15.31
CA PRO B 108 -7.19 4.03 15.22
C PRO B 108 -7.93 4.57 16.45
N PHE B 109 -7.44 5.67 16.98
CA PHE B 109 -8.07 6.37 18.09
C PHE B 109 -8.16 5.54 19.36
N MET B 110 -7.32 4.49 19.45
N MET B 110 -7.33 4.50 19.45
CA MET B 110 -7.22 3.71 20.68
CA MET B 110 -7.22 3.71 20.68
C MET B 110 -6.46 4.44 21.78
C MET B 110 -6.48 4.47 21.78
N PRO B 111 -5.37 5.16 21.50
CA PRO B 111 -4.49 5.57 22.60
C PRO B 111 -4.84 6.89 23.27
N ALA B 112 -4.62 6.93 24.58
CA ALA B 112 -4.60 8.17 25.34
C ALA B 112 -3.14 8.58 25.45
N SER B 113 -2.75 9.23 26.56
CA SER B 113 -1.34 9.52 26.76
C SER B 113 -0.53 8.23 26.73
N ALA B 114 0.77 8.36 26.45
CA ALA B 114 1.63 7.20 26.57
C ALA B 114 1.65 6.67 27.98
N GLU B 115 1.55 7.54 28.98
CA GLU B 115 1.55 7.09 30.37
C GLU B 115 0.37 6.14 30.62
N ALA B 116 -0.83 6.53 30.21
CA ALA B 116 -1.99 5.69 30.44
C ALA B 116 -1.95 4.45 29.58
N THR B 117 -1.60 4.62 28.32
CA THR B 117 -1.68 3.53 27.37
C THR B 117 -0.60 2.49 27.62
N SER B 118 0.57 2.94 28.13
CA SER B 118 1.66 2.01 28.45
C SER B 118 1.31 1.15 29.65
N GLN B 119 0.66 1.74 30.66
CA GLN B 119 0.19 0.92 31.78
C GLN B 119 -0.83 -0.10 31.30
N ALA B 120 -1.73 0.32 30.43
CA ALA B 120 -2.72 -0.61 29.88
C ALA B 120 -2.01 -1.74 29.15
N LEU B 121 -1.02 -1.41 28.32
CA LEU B 121 -0.29 -2.43 27.58
C LEU B 121 0.36 -3.43 28.54
N GLN B 122 1.02 -2.93 29.57
CA GLN B 122 1.73 -3.82 30.47
C GLN B 122 0.76 -4.74 31.20
N GLU B 123 -0.34 -4.21 31.71
CA GLU B 123 -1.32 -5.07 32.38
C GLU B 123 -1.89 -6.09 31.40
N TYR B 124 -2.13 -5.67 30.15
CA TYR B 124 -2.58 -6.58 29.10
C TYR B 124 -1.59 -7.72 28.90
N VAL B 125 -0.30 -7.40 28.77
CA VAL B 125 0.75 -8.41 28.61
C VAL B 125 0.86 -9.29 29.85
N ASP B 126 0.70 -8.72 31.05
CA ASP B 126 0.76 -9.50 32.27
C ASP B 126 -0.40 -10.50 32.37
N THR B 127 -1.48 -10.29 31.63
CA THR B 127 -2.70 -11.07 31.80
C THR B 127 -3.07 -11.71 30.46
N VAL B 128 -4.00 -11.13 29.72
CA VAL B 128 -4.65 -11.82 28.60
C VAL B 128 -3.70 -12.07 27.44
N ALA B 129 -2.66 -11.25 27.28
CA ALA B 129 -1.76 -11.30 26.13
C ALA B 129 -0.43 -11.96 26.43
N ALA B 130 -0.30 -12.61 27.58
CA ALA B 130 1.00 -13.13 28.00
C ALA B 130 1.60 -14.11 27.00
N SER B 131 0.77 -14.87 26.28
CA SER B 131 1.31 -15.86 25.36
C SER B 131 2.18 -15.23 24.29
N ASP B 132 1.94 -13.98 23.92
CA ASP B 132 2.76 -13.36 22.89
C ASP B 132 4.24 -13.30 23.28
N LEU B 133 4.52 -13.22 24.59
CA LEU B 133 5.87 -12.91 25.06
C LEU B 133 6.41 -14.01 25.96
N LYS B 134 5.79 -15.19 25.95
CA LYS B 134 6.19 -16.24 26.87
C LYS B 134 7.63 -16.70 26.64
N ASP B 135 8.18 -16.51 25.44
CA ASP B 135 9.54 -16.94 25.14
C ASP B 135 10.61 -15.94 25.59
N TYR B 136 10.22 -14.87 26.27
CA TYR B 136 11.13 -13.80 26.64
C TYR B 136 10.95 -13.48 28.12
N LYS B 137 11.94 -12.81 28.69
CA LYS B 137 11.75 -12.10 29.95
C LYS B 137 11.28 -10.70 29.60
N VAL B 138 10.05 -10.37 30.00
CA VAL B 138 9.52 -9.03 29.73
C VAL B 138 10.10 -8.06 30.74
N LEU B 139 10.69 -6.98 30.26
CA LEU B 139 11.05 -5.87 31.14
C LEU B 139 9.91 -4.86 31.15
N ALA B 140 9.47 -4.39 29.99
CA ALA B 140 8.22 -3.66 29.90
C ALA B 140 7.76 -3.63 28.46
N VAL B 141 6.45 -3.55 28.28
CA VAL B 141 5.80 -3.23 27.02
C VAL B 141 5.12 -1.88 27.24
N PHE B 142 5.39 -0.94 26.34
CA PHE B 142 4.87 0.42 26.48
C PHE B 142 4.75 1.01 25.07
N CYS B 143 4.49 2.31 24.96
CA CYS B 143 4.21 2.88 23.66
C CYS B 143 4.58 4.36 23.65
N HIS B 144 4.57 4.95 22.47
CA HIS B 144 4.80 6.38 22.32
C HIS B 144 3.52 7.18 22.47
N ALA B 145 3.68 8.49 22.69
CA ALA B 145 2.53 9.38 22.65
C ALA B 145 1.88 9.26 21.28
N PRO B 146 0.58 9.48 21.16
CA PRO B 146 -0.07 9.26 19.87
C PRO B 146 0.67 9.91 18.71
N GLY B 147 0.84 9.14 17.64
CA GLY B 147 1.59 9.62 16.49
C GLY B 147 0.86 10.71 15.73
N LYS B 148 1.66 11.45 14.97
CA LYS B 148 1.19 12.56 14.17
C LYS B 148 1.44 12.25 12.69
N ILE B 149 0.85 13.06 11.83
CA ILE B 149 0.93 12.93 10.38
C ILE B 149 1.90 13.98 9.85
N HIS B 150 2.86 13.56 9.03
CA HIS B 150 3.90 14.43 8.53
C HIS B 150 4.01 14.28 7.03
N THR B 151 4.13 15.38 6.32
CA THR B 151 4.31 15.39 4.89
C THR B 151 5.37 16.44 4.54
N LYS B 152 5.93 16.30 3.34
CA LYS B 152 6.96 17.23 2.91
C LYS B 152 6.42 18.66 2.91
N GLU B 153 5.25 18.87 2.29
CA GLU B 153 4.73 20.22 2.04
C GLU B 153 3.24 20.34 2.19
N LYS B 154 2.46 19.27 2.06
CA LYS B 154 1.02 19.42 1.95
C LYS B 154 0.37 19.36 3.33
N VAL B 155 -0.43 20.36 3.64
CA VAL B 155 -1.14 20.33 4.91
C VAL B 155 -2.25 19.30 4.83
N ILE B 156 -2.39 18.50 5.88
CA ILE B 156 -3.41 17.46 5.93
C ILE B 156 -4.52 17.95 6.84
N LYS B 157 -5.64 18.38 6.24
CA LYS B 157 -6.78 18.90 6.99
C LYS B 157 -7.86 17.86 7.18
N SER B 158 -7.81 16.78 6.40
CA SER B 158 -8.90 15.81 6.36
C SER B 158 -8.34 14.57 5.68
N ALA B 159 -9.09 13.47 5.80
CA ALA B 159 -8.65 12.24 5.17
C ALA B 159 -8.46 12.41 3.67
N ALA B 160 -9.33 13.19 3.01
CA ALA B 160 -9.23 13.34 1.56
C ALA B 160 -7.88 13.91 1.14
N ASP B 161 -7.26 14.72 2.00
CA ASP B 161 -5.95 15.26 1.67
C ASP B 161 -4.89 14.19 1.58
N LEU B 162 -5.14 13.01 2.14
CA LEU B 162 -4.21 11.89 2.03
C LEU B 162 -4.35 11.12 0.72
N ASN B 163 -5.40 11.35 -0.05
CA ASN B 163 -5.59 10.60 -1.28
C ASN B 163 -4.40 10.82 -2.20
N GLY B 164 -3.80 9.73 -2.67
CA GLY B 164 -2.67 9.82 -3.56
C GLY B 164 -1.34 10.05 -2.88
N MET B 165 -1.33 10.25 -1.57
CA MET B 165 -0.11 10.53 -0.84
C MET B 165 0.51 9.22 -0.36
N LYS B 166 1.79 9.04 -0.64
CA LYS B 166 2.52 7.84 -0.25
C LYS B 166 3.03 8.04 1.17
N MET B 167 2.50 7.27 2.11
CA MET B 167 2.69 7.52 3.54
C MET B 167 3.24 6.27 4.23
N ARG B 168 4.35 6.44 4.91
CA ARG B 168 4.96 5.35 5.67
C ARG B 168 4.26 5.14 6.99
N GLY B 169 4.07 3.88 7.33
CA GLY B 169 3.73 3.51 8.68
C GLY B 169 4.70 2.50 9.23
N PRO B 170 4.70 2.31 10.56
CA PRO B 170 5.69 1.43 11.19
C PRO B 170 5.35 -0.04 11.15
N THR B 171 4.09 -0.42 10.97
CA THR B 171 3.67 -1.81 11.09
C THR B 171 2.51 -2.02 10.14
N ARG B 172 2.16 -3.28 9.93
CA ARG B 172 1.08 -3.61 9.01
C ARG B 172 -0.26 -3.07 9.50
N VAL B 173 -0.49 -3.04 10.81
CA VAL B 173 -1.74 -2.50 11.29
C VAL B 173 -1.83 -1.00 10.99
N ILE B 174 -0.72 -0.28 11.15
CA ILE B 174 -0.77 1.14 10.87
C ILE B 174 -0.83 1.40 9.38
N THR B 175 -0.15 0.60 8.56
CA THR B 175 -0.30 0.79 7.12
C THR B 175 -1.74 0.52 6.70
N LYS B 176 -2.41 -0.45 7.32
CA LYS B 176 -3.83 -0.66 7.02
C LYS B 176 -4.66 0.55 7.41
N MET B 177 -4.33 1.20 8.51
CA MET B 177 -5.05 2.42 8.88
C MET B 177 -4.85 3.50 7.83
N LEU B 178 -3.60 3.70 7.41
CA LEU B 178 -3.31 4.71 6.40
C LEU B 178 -4.10 4.43 5.12
N GLU B 179 -4.16 3.17 4.70
CA GLU B 179 -4.99 2.80 3.56
C GLU B 179 -6.46 3.13 3.80
N GLY B 180 -6.96 2.85 5.00
CA GLY B 180 -8.34 3.17 5.33
C GLY B 180 -8.64 4.65 5.43
N LEU B 181 -7.62 5.50 5.55
CA LEU B 181 -7.80 6.94 5.55
C LEU B 181 -7.59 7.55 4.17
N GLY B 182 -7.31 6.72 3.17
CA GLY B 182 -7.17 7.14 1.80
C GLY B 182 -5.74 7.22 1.28
N ALA B 183 -4.74 7.04 2.14
CA ALA B 183 -3.35 7.14 1.73
C ALA B 183 -2.90 5.86 1.00
N THR B 184 -1.76 5.98 0.35
CA THR B 184 -1.05 4.86 -0.25
C THR B 184 0.04 4.42 0.71
N PRO B 185 -0.12 3.32 1.43
CA PRO B 185 0.79 3.05 2.54
C PRO B 185 2.07 2.35 2.10
N VAL B 186 3.13 2.58 2.87
CA VAL B 186 4.40 1.88 2.71
C VAL B 186 4.94 1.57 4.10
N GLY B 187 5.21 0.30 4.39
CA GLY B 187 5.79 -0.06 5.66
C GLY B 187 7.31 -0.10 5.64
N MET B 188 7.92 0.41 6.70
CA MET B 188 9.36 0.31 6.86
C MET B 188 9.77 0.73 8.26
N PRO B 189 10.86 0.17 8.79
CA PRO B 189 11.39 0.69 10.05
C PRO B 189 11.81 2.15 9.94
N VAL B 190 11.83 2.83 11.07
CA VAL B 190 12.04 4.29 11.04
C VAL B 190 13.39 4.72 10.48
N PRO B 191 14.48 3.95 10.63
CA PRO B 191 15.75 4.44 10.04
C PRO B 191 15.70 4.53 8.52
N ALA B 192 14.73 3.89 7.86
CA ALA B 192 14.61 3.94 6.41
C ALA B 192 13.83 5.15 5.91
N VAL B 193 13.15 5.87 6.80
CA VAL B 193 12.18 6.89 6.40
C VAL B 193 12.87 8.04 5.69
N ALA B 194 13.97 8.54 6.24
CA ALA B 194 14.61 9.71 5.65
C ALA B 194 15.02 9.46 4.22
N GLY B 195 15.67 8.32 3.96
CA GLY B 195 16.09 8.01 2.60
C GLY B 195 14.91 7.82 1.67
N ALA B 196 13.84 7.20 2.16
CA ALA B 196 12.63 7.02 1.36
C ALA B 196 12.01 8.37 1.00
N LEU B 197 12.03 9.34 1.92
CA LEU B 197 11.58 10.68 1.59
C LEU B 197 12.45 11.28 0.49
N SER B 198 13.77 11.23 0.68
CA SER B 198 14.69 11.89 -0.26
C SER B 198 14.66 11.26 -1.63
N LYS B 199 14.38 9.96 -1.72
CA LYS B 199 14.28 9.25 -3.00
C LYS B 199 12.90 9.36 -3.62
N GLY B 200 11.91 9.92 -2.92
CA GLY B 200 10.59 10.06 -3.47
C GLY B 200 9.73 8.82 -3.37
N VAL B 201 10.14 7.83 -2.58
CA VAL B 201 9.31 6.66 -2.35
C VAL B 201 8.11 7.01 -1.51
N ILE B 202 8.25 7.96 -0.59
CA ILE B 202 7.14 8.40 0.24
C ILE B 202 7.06 9.92 0.22
N ASP B 203 5.84 10.43 0.41
CA ASP B 203 5.58 11.85 0.62
C ASP B 203 5.55 12.22 2.09
N GLY B 204 5.48 11.24 2.97
CA GLY B 204 5.30 11.53 4.38
C GLY B 204 5.22 10.24 5.15
N MET B 205 4.86 10.38 6.41
CA MET B 205 4.85 9.27 7.35
C MET B 205 4.04 9.64 8.56
N VAL B 206 3.65 8.60 9.31
CA VAL B 206 3.26 8.78 10.69
C VAL B 206 4.40 8.37 11.60
N VAL B 207 4.67 9.22 12.59
CA VAL B 207 5.56 9.00 13.73
C VAL B 207 5.11 9.99 14.81
N PRO B 208 5.34 9.71 16.09
CA PRO B 208 5.28 10.77 17.09
C PRO B 208 6.43 11.74 16.86
N TRP B 209 6.34 12.90 17.52
CA TRP B 209 7.42 13.85 17.38
C TRP B 209 8.76 13.30 17.83
N GLU B 210 8.77 12.49 18.91
CA GLU B 210 10.00 12.28 19.68
C GLU B 210 11.11 11.65 18.88
N ILE B 211 10.77 10.78 17.91
CA ILE B 211 11.77 10.07 17.14
C ILE B 211 12.31 10.90 15.99
N MET B 212 11.66 12.02 15.65
CA MET B 212 11.96 12.69 14.39
C MET B 212 13.36 13.29 14.38
N PRO B 213 13.80 14.03 15.40
CA PRO B 213 15.10 14.70 15.29
C PRO B 213 16.24 13.73 15.14
N SER B 214 16.10 12.52 15.68
CA SER B 214 17.16 11.53 15.59
C SER B 214 17.46 11.15 14.15
N PHE B 215 16.52 11.37 13.24
CA PHE B 215 16.66 11.03 11.83
C PHE B 215 16.43 12.25 10.94
N LYS B 216 16.50 13.45 11.51
CA LYS B 216 16.32 14.70 10.77
C LYS B 216 14.93 14.80 10.14
N LEU B 217 13.96 14.05 10.63
CA LEU B 217 12.68 14.00 9.94
C LEU B 217 11.89 15.29 10.09
N HIS B 218 12.24 16.12 11.08
CA HIS B 218 11.61 17.44 11.24
C HIS B 218 12.18 18.46 10.27
N GLU B 219 13.27 18.15 9.59
CA GLU B 219 13.77 18.97 8.51
C GLU B 219 13.22 18.52 7.17
N LEU B 220 12.99 17.22 7.01
CA LEU B 220 12.55 16.67 5.75
C LEU B 220 11.04 16.76 5.58
N THR B 221 10.29 16.94 6.66
CA THR B 221 8.85 17.21 6.57
C THR B 221 8.55 18.53 7.27
N LYS B 222 7.79 19.38 6.61
CA LYS B 222 7.44 20.68 7.17
C LYS B 222 5.99 20.81 7.53
N ALA B 223 5.11 19.93 7.05
CA ALA B 223 3.70 20.00 7.38
C ALA B 223 3.36 18.86 8.35
N HIS B 224 2.75 19.22 9.48
CA HIS B 224 2.46 18.27 10.54
C HIS B 224 1.03 18.44 11.01
N THR B 225 0.34 17.32 11.16
CA THR B 225 -1.05 17.31 11.64
C THR B 225 -1.17 16.40 12.84
N THR B 226 -1.88 16.89 13.85
CA THR B 226 -2.17 16.11 15.03
C THR B 226 -3.68 16.04 15.22
N VAL B 227 -4.11 15.35 16.27
CA VAL B 227 -5.53 15.23 16.57
C VAL B 227 -5.82 15.80 17.95
N SER B 228 -6.91 16.54 18.04
CA SER B 228 -7.42 17.06 19.30
C SER B 228 -8.28 16.00 19.98
N GLY B 229 -8.57 16.25 21.25
CA GLY B 229 -9.45 15.40 22.02
C GLY B 229 -8.69 14.39 22.85
N SER B 230 -9.45 13.46 23.42
CA SER B 230 -8.93 12.58 24.45
C SER B 230 -8.29 11.31 23.90
N ARG B 231 -8.36 11.08 22.61
CA ARG B 231 -7.74 9.90 21.99
C ARG B 231 -6.99 10.32 20.72
N GLY B 232 -5.71 9.94 20.65
CA GLY B 232 -4.89 10.30 19.52
C GLY B 232 -5.01 9.32 18.37
N LEU B 233 -4.31 9.62 17.29
CA LEU B 233 -4.52 8.90 16.04
C LEU B 233 -4.18 7.41 16.17
N TYR B 234 -3.00 7.09 16.69
CA TYR B 234 -2.57 5.71 16.85
C TYR B 234 -1.34 5.74 17.75
N THR B 235 -0.97 4.57 18.24
CA THR B 235 0.35 4.34 18.78
C THR B 235 0.82 2.97 18.32
N THR B 236 2.09 2.66 18.57
CA THR B 236 2.58 1.33 18.28
C THR B 236 3.37 0.80 19.49
N PRO B 237 3.13 -0.44 19.91
CA PRO B 237 3.84 -0.95 21.09
C PRO B 237 5.33 -1.17 20.88
N PHE B 238 6.10 -0.71 21.85
CA PHE B 238 7.51 -1.04 22.03
C PHE B 238 7.67 -2.24 22.95
N LEU B 239 8.70 -3.03 22.67
CA LEU B 239 9.09 -4.16 23.51
C LEU B 239 10.46 -3.88 24.11
N PHE B 240 10.55 -3.99 25.43
CA PHE B 240 11.82 -3.90 26.16
C PHE B 240 11.97 -5.27 26.83
N LEU B 241 12.85 -6.09 26.29
CA LEU B 241 12.88 -7.52 26.55
C LEU B 241 14.29 -7.98 26.88
N MET B 242 14.36 -9.00 27.73
CA MET B 242 15.60 -9.66 28.09
C MET B 242 15.51 -11.11 27.67
N ASN B 243 16.65 -11.69 27.30
CA ASN B 243 16.72 -13.11 27.00
C ASN B 243 16.33 -13.90 28.24
N LYS B 244 15.41 -14.86 28.06
CA LYS B 244 14.89 -15.59 29.21
C LYS B 244 15.97 -16.40 29.91
N ALA B 245 16.75 -17.15 29.14
CA ALA B 245 17.78 -17.99 29.72
C ALA B 245 18.79 -17.14 30.50
N LYS B 246 19.17 -15.98 29.96
N LYS B 246 19.17 -15.98 29.97
CA LYS B 246 20.10 -15.11 30.65
CA LYS B 246 20.12 -15.13 30.66
C LYS B 246 19.53 -14.63 31.97
C LYS B 246 19.53 -14.62 31.98
N TYR B 247 18.29 -14.16 31.96
CA TYR B 247 17.63 -13.76 33.19
C TYR B 247 17.64 -14.91 34.20
N GLU B 248 17.23 -16.12 33.75
CA GLU B 248 17.13 -17.25 34.66
C GLU B 248 18.48 -17.69 35.19
N SER B 249 19.57 -17.33 34.49
CA SER B 249 20.92 -17.67 34.92
C SER B 249 21.47 -16.71 35.97
N LEU B 250 20.85 -15.55 36.18
CA LEU B 250 21.33 -14.62 37.17
C LEU B 250 21.08 -15.13 38.58
N SER B 251 21.87 -14.64 39.52
CA SER B 251 21.55 -14.89 40.91
C SER B 251 20.16 -14.30 41.20
N ASP B 252 19.50 -14.86 42.22
CA ASP B 252 18.20 -14.35 42.60
C ASP B 252 18.29 -12.91 43.11
N GLU B 253 19.41 -12.54 43.72
CA GLU B 253 19.61 -11.14 44.11
C GLU B 253 19.64 -10.24 42.88
N HIS B 254 20.31 -10.68 41.81
CA HIS B 254 20.33 -9.90 40.59
C HIS B 254 18.97 -9.89 39.91
N LYS B 255 18.26 -11.01 39.93
CA LYS B 255 16.89 -11.01 39.42
C LYS B 255 16.04 -9.97 40.14
N LYS B 256 16.20 -9.83 41.45
CA LYS B 256 15.42 -8.84 42.19
C LYS B 256 15.69 -7.44 41.67
N VAL B 257 16.95 -7.15 41.33
CA VAL B 257 17.28 -5.84 40.76
C VAL B 257 16.58 -5.66 39.43
N ILE B 258 16.67 -6.66 38.55
CA ILE B 258 15.99 -6.55 37.25
C ILE B 258 14.51 -6.33 37.47
N ASP B 259 13.91 -7.16 38.34
CA ASP B 259 12.47 -7.11 38.52
C ASP B 259 12.01 -5.82 39.20
N ASN B 260 12.86 -5.22 40.03
CA ASN B 260 12.56 -3.90 40.58
C ASN B 260 12.61 -2.82 39.50
N ASN B 261 13.17 -3.13 38.35
CA ASN B 261 13.26 -2.22 37.24
C ASN B 261 12.55 -2.79 36.03
N ALA B 262 11.41 -3.42 36.28
CA ALA B 262 10.57 -4.05 35.26
C ALA B 262 9.12 -3.93 35.66
N GLY B 263 8.23 -4.38 34.79
CA GLY B 263 6.82 -4.49 35.11
C GLY B 263 6.09 -3.17 34.99
N LEU B 264 4.93 -3.14 35.65
CA LEU B 264 3.99 -2.02 35.51
C LEU B 264 4.63 -0.68 35.89
N ALA B 265 5.42 -0.64 36.95
CA ALA B 265 6.06 0.62 37.33
C ALA B 265 6.98 1.12 36.23
N LEU B 266 7.71 0.22 35.57
CA LEU B 266 8.57 0.66 34.47
C LEU B 266 7.74 1.11 33.28
N ALA B 267 6.65 0.39 32.97
CA ALA B 267 5.81 0.79 31.84
C ALA B 267 5.22 2.18 32.09
N LYS B 268 4.80 2.45 33.33
N LYS B 268 4.81 2.46 33.33
CA LYS B 268 4.25 3.77 33.65
CA LYS B 268 4.25 3.77 33.64
C LYS B 268 5.29 4.86 33.46
C LYS B 268 5.30 4.86 33.45
N LEU B 269 6.48 4.66 34.02
CA LEU B 269 7.53 5.66 33.90
C LEU B 269 7.95 5.84 32.46
N ALA B 270 8.02 4.74 31.69
CA ALA B 270 8.36 4.87 30.28
C ALA B 270 7.30 5.69 29.55
N GLY B 271 6.02 5.42 29.81
CA GLY B 271 4.97 6.21 29.16
C GLY B 271 5.07 7.66 29.52
N GLN B 272 5.29 7.96 30.80
CA GLN B 272 5.48 9.36 31.20
C GLN B 272 6.64 9.98 30.44
N LEU B 273 7.75 9.27 30.37
CA LEU B 273 8.90 9.80 29.64
C LEU B 273 8.54 10.07 28.18
N TRP B 274 7.84 9.13 27.53
CA TRP B 274 7.54 9.31 26.11
C TRP B 274 6.55 10.45 25.91
N ASP B 275 5.64 10.69 26.85
CA ASP B 275 4.79 11.88 26.73
C ASP B 275 5.65 13.15 26.76
N GLY B 276 6.62 13.17 27.66
CA GLY B 276 7.47 14.33 27.77
C GLY B 276 8.38 14.52 26.58
N PHE B 277 8.84 13.42 25.97
CA PHE B 277 9.77 13.52 24.85
C PHE B 277 9.14 14.27 23.67
N GLU B 278 7.81 14.29 23.56
CA GLU B 278 7.18 15.00 22.45
C GLU B 278 7.53 16.48 22.49
N VAL B 279 7.69 17.04 23.67
CA VAL B 279 7.73 18.50 23.82
C VAL B 279 8.95 19.10 23.15
N PRO B 280 10.19 18.68 23.48
CA PRO B 280 11.36 19.28 22.83
C PRO B 280 11.42 18.96 21.35
N ALA B 281 10.91 17.79 20.95
CA ALA B 281 10.97 17.42 19.55
C ALA B 281 9.99 18.26 18.72
N ARG B 282 8.80 18.52 19.24
N ARG B 282 8.80 18.51 19.24
CA ARG B 282 7.85 19.41 18.57
CA ARG B 282 7.86 19.41 18.57
C ARG B 282 8.45 20.80 18.40
C ARG B 282 8.48 20.78 18.39
N LYS B 283 9.19 21.26 19.42
CA LYS B 283 9.81 22.58 19.32
C LYS B 283 10.87 22.61 18.23
N LEU B 284 11.69 21.55 18.13
CA LEU B 284 12.65 21.47 17.02
C LEU B 284 11.94 21.52 15.66
N ALA B 285 10.79 20.84 15.55
CA ALA B 285 10.06 20.86 14.28
C ALA B 285 9.51 22.23 13.94
N LEU B 286 9.03 22.97 14.94
CA LEU B 286 8.58 24.34 14.72
C LEU B 286 9.74 25.27 14.40
N ASP B 287 10.84 25.12 15.14
CA ASP B 287 12.00 25.96 14.89
C ASP B 287 12.60 25.71 13.51
N ALA B 288 12.40 24.52 12.94
CA ALA B 288 12.83 24.22 11.58
C ALA B 288 11.91 24.80 10.52
N GLY B 289 10.81 25.43 10.91
CA GLY B 289 9.89 26.04 9.96
C GLY B 289 8.62 25.26 9.69
N GLY B 290 8.24 24.35 10.57
CA GLY B 290 7.08 23.53 10.32
C GLY B 290 5.78 24.23 10.69
N THR B 291 4.69 23.72 10.11
CA THR B 291 3.34 24.05 10.53
C THR B 291 2.77 22.88 11.32
N ILE B 292 1.85 23.20 12.24
N ILE B 292 1.87 23.21 12.25
CA ILE B 292 1.17 22.18 13.03
CA ILE B 292 1.15 22.22 13.03
C ILE B 292 -0.32 22.47 13.04
C ILE B 292 -0.32 22.53 12.91
N HIS B 293 -1.09 21.56 12.44
CA HIS B 293 -2.52 21.69 12.28
C HIS B 293 -3.21 20.62 13.11
N SER B 294 -4.28 20.99 13.79
CA SER B 294 -4.96 20.09 14.71
C SER B 294 -6.32 19.72 14.15
N LEU B 295 -6.56 18.43 13.99
CA LEU B 295 -7.85 17.96 13.54
C LEU B 295 -8.88 18.02 14.65
N SER B 296 -10.05 18.56 14.33
N SER B 296 -10.05 18.53 14.31
CA SER B 296 -11.16 18.60 15.25
CA SER B 296 -11.14 18.73 15.24
C SER B 296 -12.44 18.54 14.44
C SER B 296 -12.43 18.71 14.43
N GLY B 297 -13.57 18.64 15.14
CA GLY B 297 -14.85 18.79 14.47
C GLY B 297 -15.11 17.76 13.38
N GLY B 298 -15.61 18.23 12.23
CA GLY B 298 -15.98 17.36 11.14
C GLY B 298 -14.85 16.49 10.61
N PRO B 299 -13.72 17.11 10.28
CA PRO B 299 -12.58 16.30 9.80
C PRO B 299 -12.17 15.21 10.76
N LEU B 300 -12.15 15.50 12.05
CA LEU B 300 -11.80 14.47 13.03
C LEU B 300 -12.87 13.39 13.09
N ALA B 301 -14.14 13.80 13.17
CA ALA B 301 -15.23 12.83 13.21
C ALA B 301 -15.18 11.88 12.01
N GLU B 302 -14.85 12.41 10.85
CA GLU B 302 -14.75 11.56 9.67
C GLU B 302 -13.69 10.48 9.85
N MET B 303 -12.52 10.86 10.36
CA MET B 303 -11.46 9.88 10.59
C MET B 303 -11.87 8.86 11.63
N LYS B 304 -12.56 9.30 12.69
CA LYS B 304 -12.97 8.37 13.73
C LYS B 304 -14.00 7.38 13.20
N ALA B 305 -14.87 7.83 12.28
CA ALA B 305 -15.84 6.91 11.67
C ALA B 305 -15.11 5.84 10.85
N ALA B 306 -14.10 6.24 10.10
CA ALA B 306 -13.28 5.26 9.38
C ALA B 306 -12.59 4.32 10.35
N GLY B 307 -12.15 4.84 11.49
CA GLY B 307 -11.52 4.00 12.49
C GLY B 307 -12.42 2.86 12.97
N GLU B 308 -13.71 3.15 13.16
CA GLU B 308 -14.62 2.10 13.59
C GLU B 308 -14.60 0.94 12.60
N GLY B 309 -14.58 1.24 11.30
CA GLY B 309 -14.54 0.18 10.32
C GLY B 309 -13.23 -0.59 10.37
N LEU B 310 -12.13 0.12 10.61
CA LEU B 310 -10.83 -0.53 10.73
C LEU B 310 -10.78 -1.44 11.94
N GLU B 311 -11.48 -1.10 13.02
CA GLU B 311 -11.55 -2.01 14.16
C GLU B 311 -12.23 -3.31 13.76
N LYS B 312 -13.33 -3.21 13.02
CA LYS B 312 -14.05 -4.40 12.60
C LYS B 312 -13.18 -5.28 11.70
N ASP B 313 -12.41 -4.65 10.81
CA ASP B 313 -11.49 -5.43 9.96
C ASP B 313 -10.47 -6.17 10.81
N TRP B 314 -9.90 -5.48 11.80
CA TRP B 314 -8.90 -6.12 12.64
C TRP B 314 -9.51 -7.29 13.42
N ILE B 315 -10.71 -7.08 13.96
CA ILE B 315 -11.39 -8.13 14.73
C ILE B 315 -11.51 -9.41 13.89
N LYS B 316 -11.92 -9.28 12.64
CA LYS B 316 -12.00 -10.45 11.78
C LYS B 316 -10.64 -11.10 11.59
N SER B 317 -9.61 -10.28 11.38
N SER B 317 -9.60 -10.29 11.39
CA SER B 317 -8.26 -10.82 11.20
CA SER B 317 -8.26 -10.83 11.19
C SER B 317 -7.80 -11.56 12.45
C SER B 317 -7.78 -11.55 12.45
N ALA B 318 -8.10 -11.01 13.62
CA ALA B 318 -7.72 -11.67 14.87
C ALA B 318 -8.49 -12.97 15.06
N ASN B 319 -9.79 -12.95 14.79
CA ASN B 319 -10.60 -14.15 14.87
C ASN B 319 -10.00 -15.25 14.00
N ASP B 320 -9.60 -14.90 12.77
CA ASP B 320 -9.06 -15.89 11.85
C ASP B 320 -7.74 -16.48 12.36
N ARG B 321 -7.07 -15.80 13.27
CA ARG B 321 -5.83 -16.27 13.86
C ARG B 321 -6.06 -16.88 15.25
N GLY B 322 -7.29 -17.21 15.58
CA GLY B 322 -7.59 -17.93 16.80
C GLY B 322 -7.73 -17.09 18.04
N LEU B 323 -7.84 -15.77 17.91
CA LEU B 323 -8.05 -14.89 19.04
C LEU B 323 -9.47 -14.37 19.06
N ASP B 324 -9.94 -14.02 20.26
CA ASP B 324 -11.23 -13.37 20.44
C ASP B 324 -11.03 -11.87 20.21
N GLY B 325 -11.07 -11.50 18.94
CA GLY B 325 -10.72 -10.14 18.56
C GLY B 325 -11.57 -9.10 19.26
N ALA B 326 -12.90 -9.32 19.30
CA ALA B 326 -13.78 -8.35 19.92
C ALA B 326 -13.46 -8.18 21.40
N MET B 327 -13.15 -9.28 22.09
CA MET B 327 -12.85 -9.20 23.51
C MET B 327 -11.54 -8.46 23.74
N LEU B 328 -10.55 -8.66 22.86
CA LEU B 328 -9.27 -7.96 23.03
C LEU B 328 -9.42 -6.47 22.82
N VAL B 329 -10.22 -6.05 21.83
CA VAL B 329 -10.40 -4.62 21.59
C VAL B 329 -11.08 -3.99 22.78
N LYS B 330 -12.12 -4.64 23.31
CA LYS B 330 -12.82 -4.10 24.46
C LYS B 330 -11.90 -4.07 25.68
N THR B 331 -11.09 -5.12 25.86
CA THR B 331 -10.14 -5.15 26.98
C THR B 331 -9.17 -3.99 26.89
N ALA B 332 -8.63 -3.76 25.70
CA ALA B 332 -7.67 -2.68 25.50
C ALA B 332 -8.31 -1.32 25.81
N LYS B 333 -9.52 -1.07 25.27
CA LYS B 333 -10.21 0.18 25.56
C LYS B 333 -10.43 0.35 27.05
N ASP B 334 -10.87 -0.71 27.71
CA ASP B 334 -11.21 -0.60 29.13
C ASP B 334 -9.95 -0.37 29.98
N LEU B 335 -8.86 -1.04 29.66
CA LEU B 335 -7.61 -0.79 30.38
C LEU B 335 -7.11 0.63 30.18
N ILE B 336 -7.21 1.15 28.96
CA ILE B 336 -6.79 2.54 28.74
C ILE B 336 -7.64 3.48 29.57
N SER B 337 -8.97 3.27 29.57
CA SER B 337 -9.85 4.10 30.36
C SER B 337 -9.49 4.02 31.85
N LYS B 338 -9.15 2.82 32.31
CA LYS B 338 -8.78 2.63 33.70
C LYS B 338 -7.62 3.53 34.09
N TYR B 339 -6.60 3.63 33.24
CA TYR B 339 -5.39 4.35 33.57
C TYR B 339 -5.44 5.81 33.14
N ASP B 340 -6.38 6.20 32.27
CA ASP B 340 -6.49 7.58 31.81
C ASP B 340 -7.33 8.40 32.79
N LYS B 341 -6.79 8.56 34.00
CA LYS B 341 -7.47 9.32 35.05
C LYS B 341 -6.70 10.60 35.33
C1' 3HB C . -3.36 -0.27 -25.19
O1' 3HB C . -4.32 0.38 -25.66
O2' 3HB C . -2.89 -1.26 -25.81
C1 3HB C . -2.70 0.17 -23.89
C2 3HB C . -3.30 1.15 -23.12
C3 3HB C . -2.71 1.57 -21.95
C4 3HB C . -1.52 1.03 -21.55
C5 3HB C . -0.92 0.04 -22.31
C6 3HB C . -1.50 -0.40 -23.48
O3 3HB C . -3.32 2.55 -21.20
H2 3HB C . -4.11 1.53 -23.39
H4 3HB C . -1.13 1.31 -20.74
H5 3HB C . -0.11 -0.34 -22.03
H6 3HB C . -1.08 -1.05 -23.99
HO3 3HB C . -3.81 2.19 -20.60
C1 PEG D . 1.60 -0.32 -6.07
O1 PEG D . 2.23 -0.66 -4.83
C2 PEG D . 2.06 1.01 -6.68
O2 PEG D . 1.98 2.09 -5.73
C3 PEG D . 2.28 3.34 -6.25
C4 PEG D . 2.52 4.42 -5.19
O4 PEG D . 3.03 3.91 -3.97
H11 PEG D . 1.79 -1.03 -6.71
H12 PEG D . 0.65 -0.28 -5.93
HO1 PEG D . 2.17 -1.49 -4.71
H21 PEG D . 2.98 0.94 -6.98
H22 PEG D . 1.49 1.22 -7.44
H31 PEG D . 3.08 3.26 -6.79
H32 PEG D . 1.55 3.62 -6.82
H41 PEG D . 3.15 5.07 -5.55
H42 PEG D . 1.68 4.87 -5.01
HO4 PEG D . 3.84 3.66 -4.09
C1' 3HB E . 8.41 4.06 14.50
O1' 3HB E . 8.85 3.11 13.83
O2' 3HB E . 7.44 4.73 14.08
C1 3HB E . 9.10 4.47 15.78
C2 3HB E . 8.53 5.45 16.56
C3 3HB E . 9.18 5.85 17.70
C4 3HB E . 10.40 5.30 18.07
C5 3HB E . 10.97 4.35 17.28
C6 3HB E . 10.32 3.94 16.13
O3 3HB E . 8.59 6.81 18.50
H2 3HB E . 7.71 5.83 16.33
H4 3HB E . 10.82 5.58 18.85
H5 3HB E . 11.78 3.97 17.51
H6 3HB E . 10.72 3.28 15.59
HO3 3HB E . 8.75 7.58 18.19
C1 PEG F . 14.05 3.95 33.40
O1 PEG F . 14.49 3.78 34.73
C2 PEG F . 14.51 5.29 32.81
O2 PEG F . 14.33 6.34 33.75
C3 PEG F . 14.81 7.59 33.31
C4 PEG F . 14.71 8.71 34.34
O4 PEG F . 15.29 8.38 35.59
H11 PEG F . 14.41 3.23 32.86
H12 PEG F . 13.08 3.91 33.37
HO1 PEG F . 14.36 2.97 34.96
H21 PEG F . 15.45 5.23 32.57
H22 PEG F . 13.99 5.47 32.01
H31 PEG F . 15.73 7.48 33.07
H32 PEG F . 14.30 7.85 32.53
H41 PEG F . 15.16 9.50 33.99
H42 PEG F . 13.77 8.94 34.48
HO4 PEG F . 15.98 8.87 35.72
#